data_3T1B
#
_entry.id   3T1B
#
_cell.length_a   268.737
_cell.length_b   54.545
_cell.length_c   103.840
_cell.angle_alpha   90.00
_cell.angle_beta   100.95
_cell.angle_gamma   90.00
#
_symmetry.space_group_name_H-M   'C 1 2 1'
#
loop_
_entity.id
_entity.type
_entity.pdbx_description
1 polymer 'Transcriptional regulator, LysR family'
2 water water
#
_entity_poly.entity_id   1
_entity_poly.type   'polypeptide(L)'
_entity_poly.pdbx_seq_one_letter_code
;MKLDDLNLFRLVVENGSYTSTSKKTMIPVATITRRIQALEDSLNLRLLNRHARKLTLTEAGERFYKDCSPLLERLASMTE
EITDECRGASGRIRISAPSELTKRMMMPMFNAFMEKYPDIHIELMMSNQADDLDPTEWDVIFRVGPQRDSSLIARKIGEV
KDILVASPQYLSSHPQPTHAEELHQHQLLKGYPLLKWQLTNSQGETVVNSDRGRFQASALNVVRSACSEGLGITLMPDVM
LREFLEDGSLVQVLSDWSSNPRDIYMLYNHKDHQPEKVRLFIDFVIGYHLQ
;
_entity_poly.pdbx_strand_id   A,B,C,D
#
# COMPACT_ATOMS: atom_id res chain seq x y z
N MET A 1 -30.20 -4.30 -14.34
CA MET A 1 -29.84 -5.66 -14.72
C MET A 1 -31.08 -6.57 -14.72
N LYS A 2 -31.01 -7.67 -15.47
CA LYS A 2 -29.82 -8.03 -16.24
C LYS A 2 -29.74 -7.26 -17.55
N LEU A 3 -28.68 -6.45 -17.69
CA LEU A 3 -28.47 -5.68 -18.91
C LEU A 3 -28.35 -6.59 -20.13
N ASP A 4 -27.84 -7.80 -19.92
CA ASP A 4 -27.64 -8.73 -21.02
C ASP A 4 -28.95 -9.34 -21.53
N ASP A 5 -29.92 -9.49 -20.63
CA ASP A 5 -31.25 -9.93 -21.03
C ASP A 5 -31.97 -8.79 -21.73
N LEU A 6 -31.83 -7.59 -21.18
CA LEU A 6 -32.39 -6.40 -21.80
C LEU A 6 -31.79 -6.21 -23.19
N ASN A 7 -30.49 -6.46 -23.30
CA ASN A 7 -29.80 -6.39 -24.58
C ASN A 7 -30.30 -7.46 -25.54
N LEU A 8 -30.57 -8.64 -25.00
CA LEU A 8 -31.16 -9.73 -25.78
C LEU A 8 -32.54 -9.32 -26.26
N PHE A 9 -33.29 -8.65 -25.40
CA PHE A 9 -34.60 -8.12 -25.76
C PHE A 9 -34.48 -7.17 -26.95
N ARG A 10 -33.47 -6.31 -26.92
CA ARG A 10 -33.19 -5.38 -28.00
C ARG A 10 -33.00 -6.12 -29.32
N LEU A 11 -32.13 -7.12 -29.31
CA LEU A 11 -31.86 -7.91 -30.50
C LEU A 11 -33.14 -8.51 -31.09
N VAL A 12 -33.96 -9.08 -30.23
CA VAL A 12 -35.22 -9.70 -30.65
C VAL A 12 -36.09 -8.72 -31.44
N VAL A 13 -36.30 -7.54 -30.87
CA VAL A 13 -37.10 -6.51 -31.54
C VAL A 13 -36.56 -6.18 -32.93
N GLU A 14 -35.24 -5.99 -33.00
CA GLU A 14 -34.59 -5.64 -34.25
C GLU A 14 -34.65 -6.79 -35.26
N ASN A 15 -34.61 -8.02 -34.78
CA ASN A 15 -34.72 -9.18 -35.64
C ASN A 15 -36.17 -9.53 -35.99
N GLY A 16 -37.10 -9.11 -35.13
CA GLY A 16 -38.50 -9.27 -35.40
C GLY A 16 -39.16 -10.48 -34.78
N SER A 17 -38.37 -11.48 -34.44
CA SER A 17 -38.89 -12.71 -33.85
C SER A 17 -37.80 -13.49 -33.14
N TYR A 18 -38.20 -14.42 -32.28
CA TYR A 18 -37.25 -15.27 -31.57
C TYR A 18 -36.39 -16.08 -32.54
N THR A 19 -37.04 -16.68 -33.54
CA THR A 19 -36.35 -17.57 -34.46
C THR A 19 -35.34 -16.85 -35.35
N SER A 20 -35.70 -15.66 -35.83
CA SER A 20 -34.79 -14.87 -36.64
C SER A 20 -33.62 -14.39 -35.78
N THR A 21 -33.89 -14.22 -34.48
CA THR A 21 -32.85 -13.83 -33.53
C THR A 21 -31.96 -15.02 -33.19
N SER A 22 -32.56 -16.21 -33.14
CA SER A 22 -31.80 -17.43 -32.89
C SER A 22 -30.88 -17.71 -34.08
N LYS A 23 -31.40 -17.49 -35.28
CA LYS A 23 -30.64 -17.66 -36.51
C LYS A 23 -29.46 -16.69 -36.54
N LYS A 24 -29.68 -15.50 -35.99
CA LYS A 24 -28.69 -14.42 -36.02
C LYS A 24 -27.60 -14.64 -34.99
N THR A 25 -28.00 -14.88 -33.74
CA THR A 25 -27.06 -14.94 -32.63
C THR A 25 -26.63 -16.37 -32.29
N MET A 26 -27.29 -17.34 -32.91
CA MET A 26 -27.01 -18.76 -32.68
C MET A 26 -27.52 -19.24 -31.32
N ILE A 27 -28.20 -18.35 -30.60
CA ILE A 27 -28.78 -18.69 -29.31
C ILE A 27 -30.09 -19.44 -29.50
N PRO A 28 -30.20 -20.62 -28.88
CA PRO A 28 -31.40 -21.47 -28.98
C PRO A 28 -32.70 -20.70 -28.67
N VAL A 29 -33.76 -21.04 -29.40
CA VAL A 29 -35.06 -20.38 -29.21
C VAL A 29 -35.60 -20.56 -27.80
N ALA A 30 -35.34 -21.72 -27.21
CA ALA A 30 -35.77 -22.00 -25.85
C ALA A 30 -35.02 -21.13 -24.84
N THR A 31 -33.77 -20.82 -25.15
CA THR A 31 -32.95 -19.98 -24.28
C THR A 31 -33.43 -18.53 -24.33
N ILE A 32 -33.72 -18.05 -25.53
CA ILE A 32 -34.22 -16.69 -25.71
C ILE A 32 -35.53 -16.52 -24.96
N THR A 33 -36.44 -17.48 -25.15
CA THR A 33 -37.74 -17.46 -24.49
C THR A 33 -37.59 -17.47 -22.97
N ARG A 34 -36.63 -18.25 -22.48
CA ARG A 34 -36.41 -18.37 -21.05
C ARG A 34 -35.83 -17.10 -20.44
N ARG A 35 -34.97 -16.43 -21.19
CA ARG A 35 -34.30 -15.22 -20.70
C ARG A 35 -35.18 -13.98 -20.81
N ILE A 36 -36.05 -13.94 -21.82
CA ILE A 36 -36.97 -12.83 -21.98
C ILE A 36 -38.03 -12.87 -20.88
N GLN A 37 -38.55 -14.06 -20.61
CA GLN A 37 -39.50 -14.26 -19.52
C GLN A 37 -38.85 -13.94 -18.19
N ALA A 38 -37.61 -14.40 -18.02
CA ALA A 38 -36.84 -14.14 -16.81
C ALA A 38 -36.70 -12.63 -16.59
N LEU A 39 -36.54 -11.89 -17.67
CA LEU A 39 -36.46 -10.43 -17.60
C LEU A 39 -37.80 -9.86 -17.18
N GLU A 40 -38.86 -10.34 -17.82
CA GLU A 40 -40.21 -9.88 -17.52
C GLU A 40 -40.59 -10.15 -16.07
N ASP A 41 -40.06 -11.24 -15.51
CA ASP A 41 -40.37 -11.61 -14.13
C ASP A 41 -39.63 -10.75 -13.12
N SER A 42 -38.49 -10.19 -13.52
CA SER A 42 -37.73 -9.33 -12.64
C SER A 42 -38.33 -7.93 -12.62
N LEU A 43 -39.01 -7.58 -13.70
CA LEU A 43 -39.70 -6.29 -13.81
C LEU A 43 -41.15 -6.45 -13.39
N ASN A 44 -41.62 -7.70 -13.36
CA ASN A 44 -43.03 -7.99 -13.12
C ASN A 44 -43.89 -7.33 -14.19
N LEU A 45 -43.31 -7.11 -15.35
CA LEU A 45 -44.00 -6.48 -16.47
C LEU A 45 -43.88 -7.34 -17.72
N ARG A 46 -44.82 -7.14 -18.65
CA ARG A 46 -44.74 -7.80 -19.96
C ARG A 46 -44.16 -6.83 -20.97
N LEU A 47 -43.18 -7.30 -21.74
CA LEU A 47 -42.57 -6.48 -22.78
C LEU A 47 -43.04 -6.95 -24.14
N LEU A 48 -43.51 -8.19 -24.19
CA LEU A 48 -43.73 -8.87 -25.45
C LEU A 48 -44.98 -9.73 -25.42
N ASN A 49 -45.56 -9.93 -26.61
CA ASN A 49 -46.51 -11.02 -26.81
C ASN A 49 -45.90 -12.00 -27.79
N ARG A 50 -45.18 -12.99 -27.26
CA ARG A 50 -44.51 -13.98 -28.09
C ARG A 50 -45.50 -14.85 -28.85
N HIS A 51 -46.73 -14.92 -28.35
CA HIS A 51 -47.76 -15.74 -28.98
C HIS A 51 -48.42 -15.00 -30.13
N ALA A 52 -48.20 -13.69 -30.20
CA ALA A 52 -48.78 -12.87 -31.25
C ALA A 52 -48.48 -13.42 -32.64
N ARG A 53 -47.38 -14.17 -32.73
CA ARG A 53 -46.99 -14.79 -34.00
C ARG A 53 -46.63 -13.69 -35.01
N LYS A 54 -46.71 -12.45 -34.54
CA LYS A 54 -46.21 -11.29 -35.26
C LYS A 54 -45.79 -10.25 -34.23
N LEU A 55 -44.49 -9.96 -34.17
CA LEU A 55 -43.91 -9.09 -33.15
C LEU A 55 -44.85 -8.01 -32.63
N THR A 56 -45.17 -8.07 -31.35
CA THR A 56 -46.03 -7.08 -30.72
C THR A 56 -45.46 -6.65 -29.37
N LEU A 57 -45.12 -5.38 -29.25
CA LEU A 57 -44.60 -4.83 -28.00
C LEU A 57 -45.72 -4.29 -27.12
N THR A 58 -45.56 -4.44 -25.81
CA THR A 58 -46.48 -3.81 -24.86
C THR A 58 -46.06 -2.35 -24.71
N GLU A 59 -46.90 -1.57 -24.04
CA GLU A 59 -46.58 -0.16 -23.82
C GLU A 59 -45.22 0.00 -23.14
N ALA A 60 -44.91 -0.90 -22.21
CA ALA A 60 -43.61 -0.90 -21.55
C ALA A 60 -42.53 -1.31 -22.52
N GLY A 61 -42.85 -2.26 -23.40
CA GLY A 61 -41.92 -2.76 -24.38
C GLY A 61 -41.41 -1.66 -25.29
N GLU A 62 -42.34 -0.95 -25.93
CA GLU A 62 -42.00 0.18 -26.78
C GLU A 62 -41.14 1.19 -26.04
N ARG A 63 -41.45 1.41 -24.77
CA ARG A 63 -40.72 2.36 -23.95
C ARG A 63 -39.28 1.92 -23.75
N PHE A 64 -39.09 0.67 -23.34
CA PHE A 64 -37.76 0.15 -23.08
C PHE A 64 -36.89 0.14 -24.33
N TYR A 65 -37.45 -0.29 -25.46
CA TYR A 65 -36.69 -0.35 -26.69
C TYR A 65 -36.29 1.04 -27.17
N LYS A 66 -37.25 1.97 -27.18
CA LYS A 66 -37.00 3.32 -27.67
C LYS A 66 -35.91 4.05 -26.88
N ASP A 67 -35.92 3.87 -25.56
CA ASP A 67 -35.01 4.61 -24.69
C ASP A 67 -33.69 3.90 -24.42
N CYS A 68 -33.71 2.57 -24.43
CA CYS A 68 -32.52 1.80 -24.04
C CYS A 68 -31.75 1.24 -25.21
N SER A 69 -32.46 0.72 -26.22
CA SER A 69 -31.80 0.04 -27.34
C SER A 69 -30.66 0.85 -27.98
N PRO A 70 -30.85 2.17 -28.14
CA PRO A 70 -29.76 2.97 -28.69
C PRO A 70 -28.52 2.93 -27.81
N LEU A 71 -28.73 3.00 -26.49
CA LEU A 71 -27.63 2.95 -25.54
C LEU A 71 -26.87 1.63 -25.63
N LEU A 72 -27.61 0.52 -25.63
CA LEU A 72 -26.99 -0.80 -25.76
C LEU A 72 -26.13 -0.87 -27.01
N GLU A 73 -26.67 -0.37 -28.11
CA GLU A 73 -26.00 -0.43 -29.41
C GLU A 73 -24.63 0.26 -29.36
N ARG A 74 -24.59 1.46 -28.79
CA ARG A 74 -23.33 2.20 -28.67
C ARG A 74 -22.36 1.51 -27.73
N LEU A 75 -22.90 0.74 -26.79
CA LEU A 75 -22.08 0.05 -25.81
C LEU A 75 -21.35 -1.13 -26.45
N ALA A 76 -22.06 -1.82 -27.35
CA ALA A 76 -21.48 -2.96 -28.06
C ALA A 76 -20.42 -2.50 -29.05
N SER A 77 -20.72 -1.44 -29.79
CA SER A 77 -19.79 -0.87 -30.76
C SER A 77 -18.53 -0.39 -30.06
N MET A 78 -18.68 0.09 -28.83
CA MET A 78 -17.58 0.69 -28.09
C MET A 78 -16.63 -0.34 -27.50
N THR A 79 -17.17 -1.37 -26.85
CA THR A 79 -16.36 -2.43 -26.28
C THR A 79 -15.58 -3.15 -27.38
N GLU A 80 -16.20 -3.30 -28.55
CA GLU A 80 -15.54 -3.90 -29.70
C GLU A 80 -14.44 -2.97 -30.20
N GLU A 81 -14.72 -1.66 -30.17
CA GLU A 81 -13.74 -0.66 -30.59
C GLU A 81 -12.52 -0.64 -29.68
N ILE A 82 -12.76 -0.79 -28.38
CA ILE A 82 -11.70 -0.71 -27.39
C ILE A 82 -10.81 -1.96 -27.39
N THR A 83 -11.43 -3.13 -27.45
CA THR A 83 -10.69 -4.38 -27.49
C THR A 83 -9.88 -4.49 -28.78
N ASP A 84 -10.32 -3.77 -29.80
CA ASP A 84 -9.61 -3.74 -31.08
C ASP A 84 -8.32 -2.93 -30.98
N GLU A 85 -8.34 -1.89 -30.14
CA GLU A 85 -7.17 -1.05 -29.95
C GLU A 85 -6.15 -1.71 -29.02
N CYS A 86 -6.64 -2.52 -28.09
CA CYS A 86 -5.78 -3.23 -27.15
C CYS A 86 -5.17 -4.47 -27.81
N ARG A 87 -5.76 -4.90 -28.90
CA ARG A 87 -5.23 -6.02 -29.67
C ARG A 87 -4.40 -5.50 -30.84
N GLY A 88 -4.07 -4.22 -30.78
CA GLY A 88 -3.23 -3.60 -31.79
C GLY A 88 -1.77 -3.89 -31.55
N ALA A 89 -1.00 -4.03 -32.63
CA ALA A 89 0.41 -4.35 -32.53
C ALA A 89 1.27 -3.09 -32.46
N SER A 90 0.73 -2.05 -31.85
CA SER A 90 1.47 -0.79 -31.69
C SER A 90 1.17 -0.13 -30.35
N GLY A 91 1.95 0.90 -30.02
CA GLY A 91 1.76 1.64 -28.79
C GLY A 91 2.99 1.61 -27.90
N ARG A 92 2.94 2.36 -26.81
CA ARG A 92 4.07 2.46 -25.90
C ARG A 92 3.95 1.48 -24.75
N ILE A 93 5.09 0.91 -24.34
CA ILE A 93 5.13 -0.02 -23.21
C ILE A 93 6.17 0.43 -22.18
N ARG A 94 5.82 0.29 -20.90
CA ARG A 94 6.74 0.66 -19.83
C ARG A 94 7.54 -0.55 -19.35
N ILE A 95 8.86 -0.43 -19.37
CA ILE A 95 9.75 -1.51 -18.97
C ILE A 95 10.74 -1.07 -17.90
N SER A 96 10.90 -1.92 -16.87
CA SER A 96 11.85 -1.64 -15.79
C SER A 96 12.97 -2.68 -15.81
N ALA A 97 14.21 -2.20 -15.69
CA ALA A 97 15.37 -3.08 -15.77
C ALA A 97 16.45 -2.67 -14.78
N PRO A 98 17.40 -3.57 -14.47
CA PRO A 98 18.47 -3.33 -13.50
C PRO A 98 19.44 -2.24 -13.97
N SER A 99 19.96 -1.46 -13.03
CA SER A 99 20.82 -0.32 -13.36
C SER A 99 22.02 -0.68 -14.22
N GLU A 100 22.87 -1.57 -13.71
CA GLU A 100 24.18 -1.83 -14.32
C GLU A 100 24.14 -2.84 -15.47
N LEU A 101 23.21 -3.78 -15.42
CA LEU A 101 23.25 -4.94 -16.31
C LEU A 101 22.51 -4.77 -17.63
N THR A 102 21.58 -3.82 -17.70
CA THR A 102 20.75 -3.66 -18.89
C THR A 102 21.57 -3.38 -20.15
N LYS A 103 22.53 -2.47 -20.04
CA LYS A 103 23.38 -2.11 -21.15
C LYS A 103 24.10 -3.32 -21.74
N ARG A 104 24.62 -4.16 -20.85
CA ARG A 104 25.44 -5.30 -21.26
C ARG A 104 24.59 -6.48 -21.76
N MET A 105 23.55 -6.80 -21.02
CA MET A 105 22.84 -8.06 -21.22
C MET A 105 21.55 -7.97 -22.04
N MET A 106 20.91 -6.81 -22.03
CA MET A 106 19.54 -6.72 -22.55
C MET A 106 19.29 -5.69 -23.66
N MET A 107 20.13 -4.66 -23.77
CA MET A 107 19.93 -3.64 -24.79
C MET A 107 19.98 -4.17 -26.23
N PRO A 108 20.93 -5.07 -26.53
CA PRO A 108 20.95 -5.70 -27.85
C PRO A 108 19.60 -6.30 -28.19
N MET A 109 18.96 -6.93 -27.20
CA MET A 109 17.66 -7.55 -27.40
C MET A 109 16.57 -6.49 -27.59
N PHE A 110 16.58 -5.48 -26.74
CA PHE A 110 15.62 -4.38 -26.84
C PHE A 110 15.75 -3.70 -28.19
N ASN A 111 16.99 -3.43 -28.60
CA ASN A 111 17.25 -2.84 -29.90
C ASN A 111 16.68 -3.69 -31.03
N ALA A 112 16.94 -5.00 -30.96
CA ALA A 112 16.44 -5.93 -31.96
C ALA A 112 14.92 -5.91 -32.03
N PHE A 113 14.28 -5.85 -30.86
CA PHE A 113 12.83 -5.80 -30.79
C PHE A 113 12.27 -4.56 -31.47
N MET A 114 12.85 -3.41 -31.15
CA MET A 114 12.39 -2.14 -31.70
C MET A 114 12.58 -2.07 -33.21
N GLU A 115 13.61 -2.72 -33.73
CA GLU A 115 13.79 -2.80 -35.18
C GLU A 115 12.69 -3.62 -35.82
N LYS A 116 12.34 -4.73 -35.17
CA LYS A 116 11.30 -5.61 -35.68
C LYS A 116 9.93 -4.95 -35.60
N TYR A 117 9.69 -4.20 -34.52
CA TYR A 117 8.42 -3.54 -34.31
C TYR A 117 8.58 -2.03 -34.13
N PRO A 118 8.64 -1.29 -35.25
CA PRO A 118 8.87 0.16 -35.22
C PRO A 118 7.68 0.95 -34.65
N ASP A 119 6.51 0.33 -34.59
CA ASP A 119 5.31 1.02 -34.11
C ASP A 119 5.09 0.82 -32.60
N ILE A 120 5.92 -0.02 -31.99
CA ILE A 120 5.87 -0.22 -30.55
C ILE A 120 7.00 0.55 -29.87
N HIS A 121 6.65 1.50 -29.03
CA HIS A 121 7.63 2.36 -28.39
C HIS A 121 7.96 1.90 -26.98
N ILE A 122 9.20 2.12 -26.55
CA ILE A 122 9.65 1.65 -25.24
C ILE A 122 9.99 2.78 -24.29
N GLU A 123 9.35 2.78 -23.12
CA GLU A 123 9.76 3.64 -22.02
C GLU A 123 10.51 2.78 -21.01
N LEU A 124 11.80 3.05 -20.85
CA LEU A 124 12.67 2.21 -20.02
C LEU A 124 13.18 2.96 -18.78
N MET A 125 12.99 2.34 -17.62
CA MET A 125 13.47 2.91 -16.37
C MET A 125 14.38 1.93 -15.64
N MET A 126 15.55 2.40 -15.22
CA MET A 126 16.50 1.55 -14.49
C MET A 126 16.56 1.88 -13.00
N SER A 127 16.63 0.85 -12.16
CA SER A 127 16.69 1.04 -10.71
C SER A 127 17.52 -0.06 -10.04
N ASN A 128 18.01 0.24 -8.84
CA ASN A 128 18.80 -0.71 -8.06
C ASN A 128 17.94 -1.59 -7.14
N GLN A 129 16.81 -1.04 -6.72
CA GLN A 129 15.96 -1.72 -5.74
C GLN A 129 14.69 -2.25 -6.39
N ALA A 130 14.71 -3.52 -6.77
CA ALA A 130 13.59 -4.14 -7.48
C ALA A 130 12.40 -4.41 -6.57
N ASP A 131 12.62 -4.37 -5.25
CA ASP A 131 11.55 -4.59 -4.30
C ASP A 131 10.78 -3.30 -4.01
N ASP A 132 11.46 -2.17 -4.17
CA ASP A 132 10.89 -0.87 -3.85
C ASP A 132 9.92 -0.34 -4.91
N LEU A 133 9.74 -1.09 -5.99
CA LEU A 133 8.91 -0.62 -7.09
C LEU A 133 7.49 -1.20 -7.08
N ASP A 134 6.55 -0.47 -7.66
CA ASP A 134 5.17 -0.94 -7.74
C ASP A 134 4.93 -1.62 -9.09
N PRO A 135 4.69 -2.93 -9.06
CA PRO A 135 4.56 -3.75 -10.26
C PRO A 135 3.41 -3.31 -11.18
N THR A 136 2.44 -2.57 -10.63
CA THR A 136 1.27 -2.16 -11.39
C THR A 136 1.59 -0.98 -12.31
N GLU A 137 2.80 -0.46 -12.22
CA GLU A 137 3.23 0.66 -13.05
C GLU A 137 3.97 0.18 -14.30
N TRP A 138 4.23 -1.12 -14.37
CA TRP A 138 5.10 -1.66 -15.42
C TRP A 138 4.45 -2.78 -16.22
N ASP A 139 4.74 -2.82 -17.51
CA ASP A 139 4.27 -3.89 -18.38
C ASP A 139 5.15 -5.13 -18.24
N VAL A 140 6.46 -4.90 -18.20
CA VAL A 140 7.42 -5.98 -17.98
C VAL A 140 8.55 -5.51 -17.06
N ILE A 141 8.90 -6.36 -16.10
CA ILE A 141 9.96 -6.03 -15.16
C ILE A 141 11.13 -7.02 -15.21
N PHE A 142 12.33 -6.50 -15.46
CA PHE A 142 13.53 -7.30 -15.38
C PHE A 142 14.28 -6.97 -14.09
N ARG A 143 14.65 -7.99 -13.34
CA ARG A 143 15.30 -7.77 -12.05
C ARG A 143 16.25 -8.90 -11.66
N VAL A 144 17.16 -8.60 -10.75
CA VAL A 144 18.06 -9.60 -10.18
C VAL A 144 17.40 -10.24 -8.97
N GLY A 145 17.48 -11.56 -8.86
CA GLY A 145 16.90 -12.27 -7.75
C GLY A 145 15.41 -12.49 -7.92
N PRO A 146 14.87 -13.53 -7.25
CA PRO A 146 13.45 -13.86 -7.34
C PRO A 146 12.56 -12.74 -6.85
N GLN A 147 11.39 -12.60 -7.47
CA GLN A 147 10.47 -11.51 -7.14
C GLN A 147 9.94 -11.61 -5.71
N ARG A 148 9.95 -10.47 -5.02
CA ARG A 148 9.15 -10.37 -3.80
C ARG A 148 7.75 -10.75 -4.23
N ASP A 149 7.36 -11.98 -3.93
CA ASP A 149 6.22 -12.62 -4.57
C ASP A 149 5.01 -11.73 -4.86
N SER A 150 4.50 -11.87 -6.08
CA SER A 150 3.26 -11.24 -6.51
C SER A 150 2.57 -12.18 -7.49
N SER A 151 1.54 -11.70 -8.17
CA SER A 151 0.81 -12.52 -9.11
C SER A 151 1.51 -12.58 -10.48
N LEU A 152 2.70 -11.97 -10.54
CA LEU A 152 3.47 -11.95 -11.77
C LEU A 152 4.00 -13.32 -12.16
N ILE A 153 4.03 -13.59 -13.47
CA ILE A 153 4.70 -14.78 -13.99
C ILE A 153 6.19 -14.47 -14.11
N ALA A 154 7.02 -15.33 -13.54
CA ALA A 154 8.46 -15.10 -13.55
C ALA A 154 9.19 -16.01 -14.54
N ARG A 155 10.22 -15.47 -15.18
CA ARG A 155 11.01 -16.24 -16.13
C ARG A 155 12.49 -15.85 -16.08
N LYS A 156 13.34 -16.84 -15.78
CA LYS A 156 14.78 -16.62 -15.73
C LYS A 156 15.33 -16.50 -17.14
N ILE A 157 15.94 -15.35 -17.44
CA ILE A 157 16.49 -15.11 -18.78
C ILE A 157 18.02 -15.20 -18.80
N GLY A 158 18.63 -15.25 -17.62
CA GLY A 158 20.07 -15.36 -17.52
C GLY A 158 20.56 -15.23 -16.09
N GLU A 159 21.88 -15.18 -15.91
CA GLU A 159 22.47 -15.03 -14.60
C GLU A 159 23.85 -14.38 -14.69
N VAL A 160 24.38 -13.96 -13.55
CA VAL A 160 25.68 -13.32 -13.50
C VAL A 160 26.58 -13.90 -12.41
N LYS A 161 27.83 -14.16 -12.76
CA LYS A 161 28.83 -14.56 -11.78
C LYS A 161 29.65 -13.35 -11.36
N ASP A 162 29.69 -13.08 -10.06
CA ASP A 162 30.49 -11.99 -9.53
C ASP A 162 31.90 -12.48 -9.25
N ILE A 163 32.88 -11.87 -9.89
CA ILE A 163 34.28 -12.27 -9.72
C ILE A 163 35.13 -11.15 -9.15
N LEU A 164 36.34 -11.51 -8.73
CA LEU A 164 37.28 -10.56 -8.13
C LEU A 164 38.34 -10.17 -9.15
N VAL A 165 38.57 -8.87 -9.31
CA VAL A 165 39.53 -8.38 -10.28
C VAL A 165 40.39 -7.23 -9.77
N ALA A 166 41.55 -7.08 -10.37
CA ALA A 166 42.45 -5.97 -10.10
C ALA A 166 43.25 -5.69 -11.36
N SER A 167 43.81 -4.49 -11.46
CA SER A 167 44.66 -4.16 -12.59
C SER A 167 46.06 -4.73 -12.38
N PRO A 168 46.73 -5.14 -13.47
CA PRO A 168 48.10 -5.65 -13.39
C PRO A 168 49.00 -4.67 -12.64
N GLN A 169 48.76 -3.38 -12.84
CA GLN A 169 49.57 -2.34 -12.22
C GLN A 169 49.43 -2.33 -10.70
N TYR A 170 48.22 -2.56 -10.20
CA TYR A 170 47.97 -2.64 -8.77
C TYR A 170 48.74 -3.83 -8.18
N LEU A 171 48.81 -4.91 -8.94
CA LEU A 171 49.45 -6.13 -8.47
C LEU A 171 50.97 -6.01 -8.53
N SER A 172 51.46 -5.00 -9.25
CA SER A 172 52.88 -4.75 -9.32
C SER A 172 53.42 -4.50 -7.92
N SER A 173 52.70 -3.69 -7.15
CA SER A 173 53.13 -3.29 -5.81
C SER A 173 52.37 -4.00 -4.69
N HIS A 174 51.32 -4.72 -5.07
CA HIS A 174 50.55 -5.51 -4.10
C HIS A 174 50.52 -6.97 -4.53
N PRO A 175 51.37 -7.80 -3.90
CA PRO A 175 51.38 -9.24 -4.21
C PRO A 175 49.98 -9.85 -4.14
N GLN A 176 49.65 -10.65 -5.16
CA GLN A 176 48.32 -11.24 -5.30
C GLN A 176 47.92 -12.10 -4.09
N PRO A 177 46.67 -11.92 -3.62
CA PRO A 177 46.14 -12.73 -2.52
C PRO A 177 45.81 -14.14 -2.98
N THR A 178 46.23 -15.14 -2.20
CA THR A 178 45.99 -16.54 -2.54
C THR A 178 44.89 -17.15 -1.68
N HIS A 179 44.43 -16.38 -0.70
CA HIS A 179 43.31 -16.79 0.14
C HIS A 179 42.39 -15.59 0.37
N ALA A 180 41.09 -15.82 0.25
CA ALA A 180 40.11 -14.75 0.40
C ALA A 180 40.30 -13.99 1.71
N GLU A 181 40.96 -14.63 2.67
CA GLU A 181 41.20 -14.03 3.99
C GLU A 181 42.24 -12.92 3.91
N GLU A 182 43.04 -12.92 2.86
CA GLU A 182 44.12 -11.96 2.69
C GLU A 182 43.62 -10.60 2.17
N LEU A 183 42.33 -10.51 1.90
CA LEU A 183 41.74 -9.29 1.37
C LEU A 183 41.80 -8.15 2.38
N HIS A 184 41.80 -8.48 3.66
CA HIS A 184 41.90 -7.48 4.71
C HIS A 184 43.20 -6.68 4.59
N GLN A 185 44.18 -7.25 3.91
CA GLN A 185 45.47 -6.59 3.72
C GLN A 185 45.59 -5.89 2.37
N HIS A 186 44.48 -5.81 1.63
CA HIS A 186 44.48 -5.16 0.32
C HIS A 186 43.57 -3.95 0.27
N GLN A 187 43.67 -3.20 -0.82
CA GLN A 187 42.78 -2.08 -1.07
C GLN A 187 41.53 -2.60 -1.78
N LEU A 188 40.36 -2.36 -1.19
CA LEU A 188 39.12 -2.85 -1.75
C LEU A 188 38.25 -1.73 -2.30
N LEU A 189 37.64 -1.99 -3.46
CA LEU A 189 36.74 -1.04 -4.09
C LEU A 189 35.36 -1.67 -4.20
N LYS A 190 34.39 -1.11 -3.49
CA LYS A 190 33.06 -1.72 -3.39
C LYS A 190 31.94 -0.83 -3.90
N GLY A 191 30.95 -1.45 -4.54
CA GLY A 191 29.79 -0.73 -5.01
C GLY A 191 28.52 -1.52 -4.77
N TYR A 192 27.48 -0.83 -4.33
CA TYR A 192 26.17 -1.45 -4.13
C TYR A 192 25.77 -2.16 -5.42
N PRO A 193 25.13 -3.34 -5.30
CA PRO A 193 24.72 -4.00 -4.06
C PRO A 193 25.81 -4.91 -3.48
N LEU A 194 26.97 -4.97 -4.11
CA LEU A 194 28.03 -5.86 -3.65
C LEU A 194 28.92 -5.20 -2.59
N LEU A 195 28.39 -5.08 -1.37
CA LEU A 195 29.12 -4.47 -0.27
C LEU A 195 29.68 -5.53 0.67
N LYS A 196 28.82 -6.46 1.08
CA LYS A 196 29.28 -7.60 1.86
C LYS A 196 29.71 -8.72 0.91
N TRP A 197 31.00 -9.05 0.94
CA TRP A 197 31.53 -10.10 0.08
C TRP A 197 31.45 -11.46 0.77
N GLN A 198 30.76 -12.40 0.14
CA GLN A 198 30.58 -13.73 0.69
C GLN A 198 31.15 -14.76 -0.29
N LEU A 199 32.34 -15.27 0.00
CA LEU A 199 33.09 -16.08 -0.94
C LEU A 199 33.32 -17.51 -0.43
N THR A 200 33.08 -18.48 -1.31
CA THR A 200 33.23 -19.89 -0.96
C THR A 200 34.25 -20.57 -1.87
N ASN A 201 35.11 -21.41 -1.30
CA ASN A 201 36.11 -22.13 -2.07
C ASN A 201 35.66 -23.54 -2.43
N SER A 202 36.52 -24.28 -3.12
CA SER A 202 36.18 -25.62 -3.60
C SER A 202 36.03 -26.65 -2.48
N GLN A 203 36.40 -26.26 -1.26
CA GLN A 203 36.27 -27.15 -0.12
C GLN A 203 35.05 -26.79 0.75
N GLY A 204 34.33 -25.75 0.33
CA GLY A 204 33.13 -25.36 1.03
C GLY A 204 33.37 -24.40 2.18
N GLU A 205 34.57 -23.84 2.25
CA GLU A 205 34.87 -22.82 3.24
C GLU A 205 34.37 -21.47 2.76
N THR A 206 33.70 -20.74 3.64
CA THR A 206 33.15 -19.43 3.29
C THR A 206 33.78 -18.33 4.13
N VAL A 207 34.32 -17.32 3.46
CA VAL A 207 34.84 -16.15 4.14
C VAL A 207 34.04 -14.92 3.73
N VAL A 208 33.79 -14.04 4.70
CA VAL A 208 33.00 -12.83 4.47
C VAL A 208 33.86 -11.59 4.67
N ASN A 209 33.79 -10.67 3.71
CA ASN A 209 34.50 -9.40 3.85
C ASN A 209 33.53 -8.23 3.89
N SER A 210 33.48 -7.54 5.03
CA SER A 210 32.61 -6.39 5.18
C SER A 210 33.40 -5.11 5.37
N ASP A 211 34.69 -5.16 5.05
CA ASP A 211 35.56 -4.00 5.16
C ASP A 211 34.99 -2.84 4.36
N ARG A 212 35.22 -1.62 4.84
CA ARG A 212 34.87 -0.43 4.09
C ARG A 212 36.00 -0.11 3.13
N GLY A 213 35.72 -0.21 1.83
CA GLY A 213 36.73 0.05 0.82
C GLY A 213 37.23 1.48 0.82
N ARG A 214 38.44 1.69 0.32
CA ARG A 214 38.99 3.03 0.19
C ARG A 214 38.05 3.83 -0.71
N PHE A 215 37.39 3.13 -1.62
CA PHE A 215 36.40 3.75 -2.49
C PHE A 215 35.11 2.93 -2.46
N GLN A 216 34.00 3.61 -2.23
CA GLN A 216 32.69 2.97 -2.21
C GLN A 216 31.68 3.83 -2.96
N ALA A 217 30.87 3.21 -3.81
CA ALA A 217 29.92 3.95 -4.64
C ALA A 217 28.53 3.31 -4.63
N SER A 218 27.55 4.07 -5.13
CA SER A 218 26.16 3.62 -5.17
C SER A 218 25.88 2.79 -6.42
N ALA A 219 26.87 2.68 -7.29
CA ALA A 219 26.75 1.90 -8.51
C ALA A 219 28.09 1.25 -8.84
N LEU A 220 28.06 0.11 -9.52
CA LEU A 220 29.27 -0.69 -9.76
C LEU A 220 30.16 -0.16 -10.89
N ASN A 221 29.56 0.56 -11.85
CA ASN A 221 30.31 1.09 -12.98
C ASN A 221 31.58 1.83 -12.57
N VAL A 222 31.40 2.95 -11.87
CA VAL A 222 32.53 3.80 -11.48
C VAL A 222 33.54 3.04 -10.63
N VAL A 223 33.12 1.93 -10.03
CA VAL A 223 34.02 1.08 -9.26
C VAL A 223 34.99 0.40 -10.21
N ARG A 224 34.48 -0.04 -11.37
CA ARG A 224 35.30 -0.71 -12.37
C ARG A 224 36.44 0.19 -12.85
N SER A 225 36.14 1.46 -13.08
CA SER A 225 37.14 2.39 -13.60
C SER A 225 38.24 2.62 -12.56
N ALA A 226 37.85 2.70 -11.30
CA ALA A 226 38.80 2.84 -10.21
C ALA A 226 39.73 1.63 -10.16
N CYS A 227 39.15 0.47 -10.43
CA CYS A 227 39.91 -0.78 -10.44
C CYS A 227 40.91 -0.77 -11.60
N SER A 228 40.46 -0.25 -12.74
CA SER A 228 41.32 -0.13 -13.91
C SER A 228 42.45 0.86 -13.64
N GLU A 229 42.20 1.84 -12.79
CA GLU A 229 43.20 2.84 -12.44
C GLU A 229 44.20 2.29 -11.41
N GLY A 230 43.99 1.04 -11.00
CA GLY A 230 44.92 0.36 -10.11
C GLY A 230 44.78 0.72 -8.65
N LEU A 231 43.56 1.04 -8.23
CA LEU A 231 43.33 1.48 -6.86
C LEU A 231 43.03 0.34 -5.89
N GLY A 232 42.82 -0.87 -6.41
CA GLY A 232 42.61 -2.03 -5.56
C GLY A 232 41.80 -3.16 -6.18
N ILE A 233 41.31 -4.04 -5.32
CA ILE A 233 40.53 -5.21 -5.74
C ILE A 233 39.04 -4.95 -5.58
N THR A 234 38.25 -5.49 -6.51
CA THR A 234 36.81 -5.31 -6.47
C THR A 234 36.07 -6.60 -6.83
N LEU A 235 34.80 -6.68 -6.43
CA LEU A 235 33.95 -7.80 -6.79
C LEU A 235 32.83 -7.33 -7.73
N MET A 236 32.76 -7.91 -8.92
CA MET A 236 31.89 -7.38 -9.96
C MET A 236 31.36 -8.50 -10.86
N PRO A 237 30.19 -8.27 -11.47
CA PRO A 237 29.65 -9.23 -12.44
C PRO A 237 30.66 -9.46 -13.56
N ASP A 238 30.81 -10.71 -13.98
CA ASP A 238 31.74 -11.04 -15.06
C ASP A 238 31.35 -10.38 -16.38
N VAL A 239 30.05 -10.19 -16.59
CA VAL A 239 29.54 -9.61 -17.82
C VAL A 239 29.97 -8.14 -17.96
N MET A 240 30.30 -7.51 -16.85
CA MET A 240 30.78 -6.13 -16.85
C MET A 240 32.30 -6.09 -16.91
N LEU A 241 32.94 -7.26 -16.93
CA LEU A 241 34.39 -7.34 -16.84
C LEU A 241 35.07 -8.01 -18.04
N ARG A 242 34.47 -9.10 -18.52
CA ARG A 242 35.06 -9.91 -19.58
C ARG A 242 35.96 -9.16 -20.55
N GLU A 243 35.43 -8.11 -21.18
CA GLU A 243 36.16 -7.40 -22.23
C GLU A 243 37.38 -6.65 -21.71
N PHE A 244 37.41 -6.38 -20.41
CA PHE A 244 38.54 -5.68 -19.80
C PHE A 244 39.64 -6.66 -19.39
N LEU A 245 39.26 -7.91 -19.15
CA LEU A 245 40.22 -8.98 -18.91
C LEU A 245 40.87 -9.29 -20.26
N GLU A 246 40.06 -9.25 -21.30
CA GLU A 246 40.51 -9.60 -22.65
C GLU A 246 41.44 -8.55 -23.26
N ASP A 247 41.22 -7.28 -22.96
CA ASP A 247 42.09 -6.22 -23.45
C ASP A 247 43.29 -6.01 -22.54
N GLY A 248 43.33 -6.75 -21.44
CA GLY A 248 44.47 -6.76 -20.55
C GLY A 248 44.47 -5.68 -19.48
N SER A 249 43.39 -4.92 -19.38
CA SER A 249 43.30 -3.84 -18.40
C SER A 249 42.98 -4.35 -17.00
N LEU A 250 42.50 -5.59 -16.91
CA LEU A 250 42.17 -6.20 -15.63
C LEU A 250 42.57 -7.67 -15.62
N VAL A 251 42.78 -8.21 -14.43
CA VAL A 251 43.05 -9.64 -14.26
C VAL A 251 42.25 -10.19 -13.09
N GLN A 252 41.81 -11.43 -13.21
CA GLN A 252 41.04 -12.09 -12.16
C GLN A 252 41.96 -12.66 -11.08
N VAL A 253 41.53 -12.52 -9.82
CA VAL A 253 42.28 -13.06 -8.69
C VAL A 253 41.38 -13.94 -7.84
N LEU A 254 41.99 -14.84 -7.07
CA LEU A 254 41.23 -15.73 -6.19
C LEU A 254 40.04 -16.35 -6.93
N SER A 255 40.29 -16.85 -8.13
CA SER A 255 39.23 -17.36 -8.99
C SER A 255 38.51 -18.57 -8.40
N ASP A 256 39.15 -19.24 -7.45
CA ASP A 256 38.56 -20.44 -6.84
C ASP A 256 37.54 -20.06 -5.78
N TRP A 257 37.53 -18.79 -5.39
CA TRP A 257 36.55 -18.27 -4.44
C TRP A 257 35.33 -17.70 -5.16
N SER A 258 34.27 -18.49 -5.24
CA SER A 258 33.09 -18.10 -5.99
C SER A 258 32.08 -17.35 -5.14
N SER A 259 31.36 -16.43 -5.77
CA SER A 259 30.29 -15.72 -5.10
C SER A 259 28.95 -16.32 -5.54
N ASN A 260 27.95 -16.27 -4.65
CA ASN A 260 26.63 -16.79 -5.00
C ASN A 260 26.12 -16.16 -6.29
N PRO A 261 25.92 -16.99 -7.33
CA PRO A 261 25.43 -16.48 -8.62
C PRO A 261 24.02 -15.88 -8.49
N ARG A 262 23.74 -14.87 -9.30
CA ARG A 262 22.47 -14.16 -9.21
C ARG A 262 21.68 -14.25 -10.52
N ASP A 263 20.44 -14.71 -10.43
CA ASP A 263 19.61 -14.93 -11.61
C ASP A 263 18.91 -13.66 -12.09
N ILE A 264 18.85 -13.49 -13.40
CA ILE A 264 18.09 -12.38 -13.99
C ILE A 264 16.70 -12.86 -14.38
N TYR A 265 15.68 -12.24 -13.81
CA TYR A 265 14.31 -12.66 -14.07
C TYR A 265 13.56 -11.67 -14.95
N MET A 266 12.58 -12.17 -15.68
CA MET A 266 11.64 -11.33 -16.41
C MET A 266 10.24 -11.54 -15.84
N LEU A 267 9.65 -10.46 -15.34
CA LEU A 267 8.36 -10.55 -14.67
C LEU A 267 7.25 -9.89 -15.48
N TYR A 268 6.11 -10.58 -15.56
CA TYR A 268 4.93 -10.06 -16.25
C TYR A 268 3.68 -10.72 -15.68
N ASN A 269 2.52 -10.14 -15.97
CA ASN A 269 1.26 -10.61 -15.40
C ASN A 269 0.75 -11.94 -15.98
N HIS A 270 0.20 -11.88 -17.19
CA HIS A 270 -0.30 -13.08 -17.86
C HIS A 270 -0.43 -12.83 -19.35
N LYS A 271 0.38 -13.54 -20.14
CA LYS A 271 0.47 -13.30 -21.58
C LYS A 271 -0.90 -13.23 -22.26
N ASP A 272 -1.85 -14.00 -21.76
CA ASP A 272 -3.20 -14.04 -22.33
C ASP A 272 -3.98 -12.75 -22.06
N HIS A 273 -3.99 -12.30 -20.81
CA HIS A 273 -4.71 -11.09 -20.43
C HIS A 273 -3.91 -9.82 -20.73
N GLN A 274 -2.94 -9.92 -21.64
CA GLN A 274 -2.07 -8.80 -21.95
C GLN A 274 -2.42 -8.21 -23.31
N PRO A 275 -2.31 -6.87 -23.44
CA PRO A 275 -2.54 -6.24 -24.75
C PRO A 275 -1.47 -6.67 -25.75
N GLU A 276 -1.88 -6.97 -26.98
CA GLU A 276 -0.95 -7.39 -28.03
C GLU A 276 0.36 -6.62 -27.94
N LYS A 277 0.25 -5.32 -27.71
CA LYS A 277 1.39 -4.44 -27.53
C LYS A 277 2.47 -5.09 -26.67
N VAL A 278 2.07 -5.60 -25.50
CA VAL A 278 3.02 -6.17 -24.54
C VAL A 278 3.33 -7.64 -24.79
N ARG A 279 2.35 -8.38 -25.30
CA ARG A 279 2.54 -9.80 -25.56
C ARG A 279 3.63 -10.06 -26.61
N LEU A 280 3.68 -9.21 -27.63
CA LEU A 280 4.69 -9.32 -28.67
C LEU A 280 6.08 -9.15 -28.10
N PHE A 281 6.21 -8.30 -27.09
CA PHE A 281 7.50 -8.09 -26.44
C PHE A 281 7.91 -9.31 -25.64
N ILE A 282 6.97 -9.84 -24.85
CA ILE A 282 7.23 -11.02 -24.02
C ILE A 282 7.64 -12.21 -24.87
N ASP A 283 6.91 -12.44 -25.96
CA ASP A 283 7.21 -13.56 -26.85
C ASP A 283 8.52 -13.35 -27.61
N PHE A 284 8.87 -12.09 -27.88
CA PHE A 284 10.13 -11.79 -28.54
C PHE A 284 11.29 -12.15 -27.62
N VAL A 285 11.21 -11.73 -26.37
CA VAL A 285 12.23 -12.03 -25.39
C VAL A 285 12.36 -13.54 -25.18
N ILE A 286 11.22 -14.21 -25.06
CA ILE A 286 11.20 -15.65 -24.83
C ILE A 286 11.92 -16.43 -25.93
N GLY A 287 11.65 -16.07 -27.18
CA GLY A 287 12.29 -16.74 -28.30
C GLY A 287 13.66 -16.16 -28.60
N TYR A 288 14.22 -15.45 -27.62
CA TYR A 288 15.48 -14.75 -27.81
C TYR A 288 16.33 -14.78 -26.54
N HIS A 289 17.23 -15.76 -26.41
CA HIS A 289 17.40 -16.89 -27.34
C HIS A 289 17.47 -16.52 -28.82
N LEU A 290 18.04 -15.36 -29.14
CA LEU A 290 18.05 -14.86 -30.50
C LEU A 290 16.65 -14.87 -31.13
N MET B 1 21.56 0.93 23.85
CA MET B 1 21.25 -0.40 24.35
C MET B 1 21.01 -1.44 23.24
N LYS B 2 21.80 -1.39 22.16
CA LYS B 2 22.96 -0.51 22.03
C LYS B 2 22.61 0.78 21.30
N LEU B 3 23.34 1.85 21.62
CA LEU B 3 23.08 3.17 21.06
C LEU B 3 23.22 3.20 19.54
N ASP B 4 24.21 2.48 19.01
CA ASP B 4 24.46 2.48 17.58
C ASP B 4 23.42 1.69 16.79
N ASP B 5 22.87 0.64 17.41
CA ASP B 5 21.77 -0.09 16.80
C ASP B 5 20.53 0.80 16.78
N LEU B 6 20.36 1.58 17.84
CA LEU B 6 19.25 2.51 17.94
C LEU B 6 19.39 3.62 16.91
N ASN B 7 20.63 4.06 16.70
CA ASN B 7 20.91 5.10 15.71
C ASN B 7 20.79 4.58 14.29
N LEU B 8 21.13 3.32 14.09
CA LEU B 8 20.95 2.67 12.80
C LEU B 8 19.46 2.54 12.52
N PHE B 9 18.69 2.31 13.58
CA PHE B 9 17.24 2.26 13.49
C PHE B 9 16.69 3.59 13.00
N ARG B 10 17.25 4.68 13.53
CA ARG B 10 16.87 6.02 13.09
C ARG B 10 17.12 6.20 11.59
N LEU B 11 18.29 5.78 11.13
CA LEU B 11 18.65 5.90 9.72
C LEU B 11 17.66 5.15 8.82
N VAL B 12 17.34 3.91 9.20
CA VAL B 12 16.39 3.10 8.45
C VAL B 12 15.06 3.81 8.29
N VAL B 13 14.59 4.44 9.37
CA VAL B 13 13.32 5.15 9.36
C VAL B 13 13.34 6.34 8.40
N GLU B 14 14.47 7.02 8.32
CA GLU B 14 14.58 8.22 7.50
C GLU B 14 14.74 7.92 6.01
N ASN B 15 15.31 6.76 5.68
CA ASN B 15 15.51 6.40 4.28
C ASN B 15 14.39 5.54 3.70
N GLY B 16 13.55 4.99 4.57
CA GLY B 16 12.33 4.32 4.14
C GLY B 16 12.41 2.81 3.98
N SER B 17 13.63 2.29 3.86
CA SER B 17 13.81 0.85 3.67
C SER B 17 15.25 0.44 3.93
N TYR B 18 15.50 -0.86 3.98
CA TYR B 18 16.83 -1.39 4.21
C TYR B 18 17.78 -1.08 3.05
N THR B 19 17.30 -1.33 1.83
CA THR B 19 18.10 -1.09 0.64
C THR B 19 18.45 0.39 0.47
N SER B 20 17.45 1.25 0.67
CA SER B 20 17.69 2.69 0.60
C SER B 20 18.74 3.13 1.62
N THR B 21 18.66 2.58 2.83
CA THR B 21 19.60 2.89 3.89
C THR B 21 21.00 2.38 3.53
N SER B 22 21.05 1.19 2.94
CA SER B 22 22.31 0.60 2.51
C SER B 22 23.01 1.49 1.48
N LYS B 23 22.22 2.02 0.55
CA LYS B 23 22.76 2.85 -0.52
C LYS B 23 23.28 4.19 -0.01
N LYS B 24 22.61 4.74 0.99
CA LYS B 24 22.98 6.06 1.53
C LYS B 24 24.09 5.99 2.58
N THR B 25 24.07 4.95 3.39
CA THR B 25 25.06 4.80 4.45
C THR B 25 26.25 3.95 4.00
N MET B 26 26.06 3.23 2.90
CA MET B 26 27.10 2.35 2.37
C MET B 26 27.36 1.17 3.29
N ILE B 27 26.37 0.87 4.14
CA ILE B 27 26.41 -0.30 5.01
C ILE B 27 25.64 -1.44 4.35
N PRO B 28 26.22 -2.65 4.35
CA PRO B 28 25.56 -3.81 3.75
C PRO B 28 24.20 -4.07 4.37
N VAL B 29 23.22 -4.47 3.56
CA VAL B 29 21.88 -4.77 4.06
C VAL B 29 21.93 -5.85 5.13
N ALA B 30 22.79 -6.85 4.92
CA ALA B 30 22.93 -7.96 5.85
C ALA B 30 23.33 -7.48 7.25
N THR B 31 24.11 -6.41 7.29
CA THR B 31 24.55 -5.84 8.57
C THR B 31 23.44 -5.05 9.24
N ILE B 32 22.68 -4.29 8.43
CA ILE B 32 21.53 -3.56 8.93
C ILE B 32 20.49 -4.52 9.48
N THR B 33 20.12 -5.50 8.67
CA THR B 33 19.19 -6.54 9.09
C THR B 33 19.58 -7.11 10.45
N ARG B 34 20.83 -7.54 10.56
CA ARG B 34 21.33 -8.20 11.76
C ARG B 34 21.24 -7.30 13.00
N ARG B 35 21.69 -6.05 12.85
CA ARG B 35 21.74 -5.12 13.98
C ARG B 35 20.36 -4.64 14.43
N ILE B 36 19.43 -4.52 13.49
CA ILE B 36 18.06 -4.16 13.84
C ILE B 36 17.41 -5.30 14.59
N GLN B 37 17.66 -6.52 14.13
CA GLN B 37 17.12 -7.72 14.77
C GLN B 37 17.69 -7.87 16.18
N ALA B 38 18.98 -7.62 16.33
CA ALA B 38 19.63 -7.70 17.62
C ALA B 38 19.01 -6.70 18.59
N LEU B 39 18.74 -5.49 18.09
CA LEU B 39 18.11 -4.45 18.89
C LEU B 39 16.73 -4.91 19.38
N GLU B 40 15.91 -5.36 18.44
CA GLU B 40 14.58 -5.86 18.76
C GLU B 40 14.64 -7.02 19.75
N ASP B 41 15.65 -7.87 19.57
CA ASP B 41 15.81 -9.05 20.42
C ASP B 41 16.25 -8.67 21.82
N SER B 42 16.93 -7.54 21.94
CA SER B 42 17.34 -7.04 23.26
C SER B 42 16.18 -6.36 23.97
N LEU B 43 15.31 -5.74 23.19
CA LEU B 43 14.16 -5.02 23.74
C LEU B 43 12.98 -5.96 23.99
N ASN B 44 12.96 -7.08 23.26
CA ASN B 44 11.79 -7.94 23.24
C ASN B 44 10.62 -7.20 22.59
N LEU B 45 10.95 -6.26 21.71
CA LEU B 45 9.95 -5.44 21.04
C LEU B 45 10.25 -5.28 19.56
N ARG B 46 9.23 -5.50 18.73
CA ARG B 46 9.34 -5.26 17.31
C ARG B 46 9.17 -3.76 17.06
N LEU B 47 10.18 -3.15 16.46
CA LEU B 47 10.16 -1.71 16.21
C LEU B 47 9.67 -1.37 14.81
N LEU B 48 9.88 -2.29 13.89
CA LEU B 48 9.50 -2.10 12.49
C LEU B 48 8.56 -3.19 12.02
N ASN B 49 7.63 -2.83 11.14
CA ASN B 49 6.82 -3.81 10.42
C ASN B 49 7.38 -3.91 8.99
N ARG B 50 7.76 -5.12 8.60
CA ARG B 50 8.61 -5.30 7.43
C ARG B 50 7.89 -5.54 6.10
N HIS B 51 6.66 -6.05 6.15
CA HIS B 51 5.95 -6.38 4.92
C HIS B 51 5.93 -5.24 3.91
N ALA B 52 6.53 -5.49 2.75
CA ALA B 52 6.71 -4.49 1.70
C ALA B 52 5.38 -3.95 1.17
N ARG B 53 5.42 -2.82 0.47
CA ARG B 53 6.68 -2.11 0.20
C ARG B 53 7.06 -1.23 1.38
N LYS B 54 6.09 -0.49 1.90
CA LYS B 54 6.34 0.47 2.96
C LYS B 54 6.76 -0.18 4.28
N LEU B 55 7.84 0.33 4.86
CA LEU B 55 8.22 -0.03 6.22
C LEU B 55 7.44 0.86 7.17
N THR B 56 6.93 0.28 8.25
CA THR B 56 6.14 1.05 9.21
C THR B 56 6.61 0.80 10.64
N LEU B 57 6.50 1.83 11.47
CA LEU B 57 6.90 1.75 12.85
C LEU B 57 5.79 1.17 13.72
N THR B 58 6.14 0.27 14.62
CA THR B 58 5.20 -0.24 15.60
C THR B 58 4.95 0.87 16.63
N GLU B 59 4.15 0.58 17.64
CA GLU B 59 3.90 1.57 18.69
C GLU B 59 5.21 1.90 19.40
N ALA B 60 6.01 0.87 19.68
CA ALA B 60 7.31 1.06 20.29
C ALA B 60 8.25 1.79 19.34
N GLY B 61 8.14 1.46 18.06
CA GLY B 61 8.98 2.08 17.05
C GLY B 61 8.78 3.59 16.99
N GLU B 62 7.52 4.00 17.02
CA GLU B 62 7.17 5.42 17.04
C GLU B 62 7.70 6.10 18.30
N ARG B 63 7.55 5.43 19.43
CA ARG B 63 7.97 5.99 20.71
C ARG B 63 9.47 6.26 20.75
N PHE B 64 10.25 5.27 20.32
CA PHE B 64 11.71 5.42 20.29
C PHE B 64 12.15 6.49 19.30
N TYR B 65 11.66 6.40 18.08
CA TYR B 65 12.05 7.35 17.03
C TYR B 65 11.68 8.78 17.38
N LYS B 66 10.51 8.97 17.96
CA LYS B 66 10.02 10.30 18.27
C LYS B 66 10.86 10.96 19.35
N ASP B 67 11.13 10.22 20.41
CA ASP B 67 11.85 10.76 21.56
C ASP B 67 13.37 10.79 21.37
N CYS B 68 13.91 9.73 20.76
CA CYS B 68 15.35 9.55 20.70
C CYS B 68 16.03 10.19 19.48
N SER B 69 15.33 10.27 18.36
CA SER B 69 15.91 10.84 17.15
C SER B 69 16.55 12.22 17.35
N PRO B 70 15.81 13.16 17.96
CA PRO B 70 16.35 14.51 18.16
C PRO B 70 17.72 14.51 18.84
N LEU B 71 17.89 13.68 19.86
CA LEU B 71 19.15 13.61 20.59
C LEU B 71 20.23 12.92 19.76
N LEU B 72 19.87 11.81 19.13
CA LEU B 72 20.77 11.11 18.22
C LEU B 72 21.31 12.07 17.16
N GLU B 73 20.42 12.86 16.59
CA GLU B 73 20.79 13.83 15.57
C GLU B 73 21.78 14.86 16.10
N ARG B 74 21.45 15.46 17.25
CA ARG B 74 22.32 16.46 17.87
C ARG B 74 23.69 15.87 18.21
N LEU B 75 23.71 14.56 18.47
CA LEU B 75 24.96 13.89 18.80
C LEU B 75 25.84 13.74 17.56
N ALA B 76 25.28 13.15 16.51
CA ALA B 76 25.98 13.02 15.24
C ALA B 76 26.42 14.39 14.74
N SER B 77 25.57 15.40 14.97
CA SER B 77 25.87 16.76 14.56
C SER B 77 27.02 17.34 15.36
N MET B 78 27.01 17.13 16.66
CA MET B 78 28.03 17.69 17.55
C MET B 78 29.38 17.02 17.33
N THR B 79 29.36 15.72 17.05
CA THR B 79 30.59 14.99 16.78
C THR B 79 31.26 15.51 15.51
N GLU B 80 30.49 15.58 14.42
CA GLU B 80 30.99 16.10 13.16
C GLU B 80 31.62 17.48 13.37
N GLU B 81 30.97 18.28 14.22
CA GLU B 81 31.44 19.63 14.51
C GLU B 81 32.86 19.61 15.08
N ILE B 82 33.16 18.56 15.85
CA ILE B 82 34.47 18.43 16.48
C ILE B 82 35.50 17.85 15.52
N THR B 83 35.10 16.82 14.78
CA THR B 83 36.01 16.17 13.84
C THR B 83 36.34 17.07 12.65
N ASP B 84 35.43 18.00 12.35
CA ASP B 84 35.65 18.95 11.27
C ASP B 84 36.75 19.94 11.59
N GLU B 85 36.90 20.25 12.87
CA GLU B 85 37.93 21.18 13.32
C GLU B 85 39.28 20.49 13.51
N CYS B 86 39.25 19.25 13.98
CA CYS B 86 40.46 18.50 14.24
C CYS B 86 41.03 17.89 12.97
N ARG B 87 42.36 17.80 12.90
CA ARG B 87 43.06 17.23 11.74
C ARG B 87 42.43 17.71 10.42
N GLY B 88 42.74 17.10 9.27
CA GLY B 88 43.71 16.03 9.13
C GLY B 88 43.74 15.51 7.70
N ALA B 89 44.89 14.96 7.30
CA ALA B 89 45.07 14.49 5.93
C ALA B 89 44.45 13.11 5.72
N SER B 90 43.57 12.71 6.63
CA SER B 90 42.93 11.39 6.56
C SER B 90 41.42 11.47 6.79
N GLY B 91 40.72 10.39 6.42
CA GLY B 91 39.29 10.33 6.62
C GLY B 91 38.54 9.90 5.38
N ARG B 92 37.23 10.13 5.36
CA ARG B 92 36.40 9.76 4.24
C ARG B 92 35.54 10.94 3.77
N ILE B 93 35.57 11.22 2.48
CA ILE B 93 34.78 12.29 1.90
C ILE B 93 33.50 11.75 1.27
N ARG B 94 32.38 12.34 1.62
CA ARG B 94 31.09 11.90 1.08
C ARG B 94 30.66 12.80 -0.07
N ILE B 95 30.59 12.22 -1.26
CA ILE B 95 30.32 13.00 -2.47
C ILE B 95 29.01 12.61 -3.14
N SER B 96 28.27 13.60 -3.59
CA SER B 96 27.09 13.40 -4.42
C SER B 96 27.38 13.87 -5.83
N ALA B 97 27.06 13.04 -6.81
CA ALA B 97 27.28 13.37 -8.21
C ALA B 97 26.13 12.86 -9.07
N PRO B 98 25.86 13.54 -10.20
CA PRO B 98 24.80 13.08 -11.10
C PRO B 98 25.16 11.74 -11.73
N SER B 99 24.20 10.82 -11.76
CA SER B 99 24.44 9.47 -12.27
C SER B 99 25.20 9.47 -13.60
N GLU B 100 24.83 10.39 -14.49
CA GLU B 100 25.45 10.46 -15.80
C GLU B 100 26.64 11.41 -15.80
N LEU B 101 27.58 11.18 -16.72
CA LEU B 101 28.75 12.04 -16.89
C LEU B 101 29.83 11.84 -15.84
N THR B 102 29.47 11.30 -14.69
CA THR B 102 30.45 11.05 -13.64
C THR B 102 31.49 10.03 -14.08
N LYS B 103 31.04 9.02 -14.81
CA LYS B 103 31.92 7.96 -15.27
C LYS B 103 33.03 8.46 -16.19
N ARG B 104 32.66 9.31 -17.15
CA ARG B 104 33.60 9.76 -18.18
C ARG B 104 34.30 11.07 -17.80
N MET B 105 33.69 11.84 -16.90
CA MET B 105 34.26 13.13 -16.52
C MET B 105 34.91 13.13 -15.14
N MET B 106 34.16 12.69 -14.14
CA MET B 106 34.60 12.76 -12.75
C MET B 106 35.66 11.73 -12.38
N MET B 107 35.37 10.46 -12.65
CA MET B 107 36.21 9.36 -12.20
C MET B 107 37.72 9.53 -12.47
N PRO B 108 38.09 9.96 -13.67
CA PRO B 108 39.51 10.23 -13.91
C PRO B 108 40.08 11.17 -12.85
N MET B 109 39.31 12.20 -12.51
CA MET B 109 39.74 13.17 -11.51
C MET B 109 39.74 12.56 -10.11
N PHE B 110 38.67 11.85 -9.77
CA PHE B 110 38.55 11.20 -8.47
C PHE B 110 39.66 10.18 -8.28
N ASN B 111 39.91 9.36 -9.29
CA ASN B 111 40.98 8.38 -9.24
C ASN B 111 42.33 9.04 -8.98
N ALA B 112 42.54 10.19 -9.61
CA ALA B 112 43.79 10.94 -9.46
C ALA B 112 43.94 11.48 -8.04
N PHE B 113 42.82 11.85 -7.42
CA PHE B 113 42.83 12.38 -6.06
C PHE B 113 43.18 11.31 -5.04
N MET B 114 42.65 10.10 -5.26
CA MET B 114 42.89 8.99 -4.34
C MET B 114 44.32 8.47 -4.47
N GLU B 115 44.94 8.72 -5.61
CA GLU B 115 46.35 8.37 -5.81
C GLU B 115 47.25 9.35 -5.05
N LYS B 116 46.89 10.63 -5.10
CA LYS B 116 47.64 11.67 -4.40
C LYS B 116 47.40 11.59 -2.90
N TYR B 117 46.23 11.09 -2.51
CA TYR B 117 45.86 10.98 -1.11
C TYR B 117 45.31 9.59 -0.77
N PRO B 118 46.20 8.63 -0.55
CA PRO B 118 45.85 7.24 -0.29
C PRO B 118 45.12 7.04 1.04
N ASP B 119 45.26 7.99 1.96
CA ASP B 119 44.63 7.88 3.27
C ASP B 119 43.27 8.56 3.32
N ILE B 120 42.85 9.15 2.20
CA ILE B 120 41.54 9.77 2.11
C ILE B 120 40.61 8.90 1.29
N HIS B 121 39.54 8.43 1.94
CA HIS B 121 38.58 7.54 1.30
C HIS B 121 37.38 8.29 0.73
N ILE B 122 36.75 7.71 -0.29
CA ILE B 122 35.59 8.34 -0.92
C ILE B 122 34.35 7.45 -0.90
N GLU B 123 33.24 8.04 -0.49
CA GLU B 123 31.94 7.41 -0.67
C GLU B 123 31.18 8.20 -1.73
N LEU B 124 31.07 7.62 -2.93
CA LEU B 124 30.40 8.30 -4.03
C LEU B 124 28.92 7.89 -4.13
N MET B 125 28.04 8.88 -3.99
CA MET B 125 26.61 8.64 -4.10
C MET B 125 26.07 9.31 -5.37
N MET B 126 25.63 8.49 -6.32
CA MET B 126 25.13 8.99 -7.59
C MET B 126 23.62 8.84 -7.71
N SER B 127 22.92 9.97 -7.89
CA SER B 127 21.48 9.97 -8.10
C SER B 127 21.14 10.96 -9.20
N ASN B 128 20.29 10.56 -10.13
CA ASN B 128 19.91 11.44 -11.24
C ASN B 128 19.03 12.58 -10.74
N GLN B 129 19.45 13.81 -11.02
CA GLN B 129 18.73 15.01 -10.60
C GLN B 129 18.87 15.24 -9.09
N ALA B 130 18.70 14.18 -8.32
CA ALA B 130 18.95 14.22 -6.87
C ALA B 130 18.12 15.24 -6.11
N ASP B 131 17.64 16.26 -6.82
CA ASP B 131 16.82 17.31 -6.21
C ASP B 131 17.31 17.70 -4.82
N LEU B 133 17.73 17.16 -1.57
CA LEU B 133 18.57 16.10 -1.03
C LEU B 133 19.31 16.59 0.22
N ASP B 134 19.22 17.88 0.50
CA ASP B 134 19.90 18.48 1.65
C ASP B 134 21.41 18.48 1.38
N PRO B 135 22.04 19.65 1.45
CA PRO B 135 23.49 19.76 1.23
C PRO B 135 24.32 19.29 2.42
N THR B 136 23.76 19.41 3.62
CA THR B 136 24.51 19.19 4.85
C THR B 136 24.92 17.74 5.12
N GLU B 137 24.28 16.79 4.45
CA GLU B 137 24.65 15.38 4.59
C GLU B 137 25.82 15.07 3.65
N TRP B 138 26.33 16.10 3.00
CA TRP B 138 27.38 15.93 2.00
C TRP B 138 28.59 16.83 2.24
N ASP B 139 29.76 16.34 1.84
CA ASP B 139 30.98 17.13 1.89
C ASP B 139 31.10 17.96 0.61
N VAL B 140 30.86 17.34 -0.53
CA VAL B 140 30.91 18.02 -1.82
C VAL B 140 29.79 17.58 -2.75
N ILE B 141 29.26 18.53 -3.52
CA ILE B 141 28.13 18.26 -4.41
C ILE B 141 28.45 18.65 -5.85
N PHE B 142 28.17 17.74 -6.78
CA PHE B 142 28.32 18.03 -8.20
C PHE B 142 26.97 18.08 -8.90
N ARG B 143 26.71 19.21 -9.56
CA ARG B 143 25.43 19.42 -10.25
C ARG B 143 25.68 19.83 -11.70
N VAL B 144 24.67 19.65 -12.54
CA VAL B 144 24.78 20.04 -13.94
C VAL B 144 23.67 21.02 -14.33
N GLY B 145 24.01 21.99 -15.17
CA GLY B 145 23.05 22.98 -15.62
C GLY B 145 22.87 24.10 -14.62
N PRO B 146 21.93 25.02 -14.90
CA PRO B 146 21.64 26.18 -14.05
C PRO B 146 21.21 25.78 -12.64
N GLN B 147 21.57 26.58 -11.66
CA GLN B 147 21.22 26.31 -10.27
C GLN B 147 20.52 27.52 -9.64
N ARG B 148 20.13 27.38 -8.38
CA ARG B 148 19.58 28.49 -7.60
C ARG B 148 19.90 28.28 -6.14
N ASP B 149 20.14 29.36 -5.41
CA ASP B 149 20.44 29.31 -3.99
C ASP B 149 19.51 28.32 -3.29
N SER B 150 20.05 27.30 -2.63
CA SER B 150 21.50 27.05 -2.48
C SER B 150 22.23 28.07 -1.62
N SER B 151 22.94 28.99 -2.26
CA SER B 151 23.82 29.93 -1.57
C SER B 151 25.06 29.20 -1.07
N LEU B 152 25.13 27.90 -1.35
CA LEU B 152 26.34 27.13 -1.11
C LEU B 152 27.49 27.76 -1.89
N ILE B 153 28.72 27.37 -1.57
CA ILE B 153 29.85 27.83 -2.37
C ILE B 153 29.85 27.07 -3.69
N ALA B 154 29.72 27.83 -4.79
CA ALA B 154 29.64 27.22 -6.11
C ALA B 154 30.82 27.62 -7.00
N ARG B 155 31.33 26.67 -7.76
CA ARG B 155 32.39 26.95 -8.72
C ARG B 155 32.19 26.15 -10.00
N LYS B 156 32.18 26.85 -11.13
CA LYS B 156 32.07 26.20 -12.43
C LYS B 156 33.39 25.51 -12.77
N ILE B 157 33.35 24.18 -12.90
CA ILE B 157 34.56 23.41 -13.18
C ILE B 157 34.57 22.92 -14.62
N GLY B 158 33.55 23.28 -15.38
CA GLY B 158 33.45 22.89 -16.78
C GLY B 158 32.07 23.09 -17.36
N GLU B 159 31.83 22.45 -18.50
CA GLU B 159 30.53 22.52 -19.16
C GLU B 159 30.40 21.43 -20.21
N VAL B 160 29.17 20.97 -20.44
CA VAL B 160 28.92 19.93 -21.44
C VAL B 160 28.08 20.43 -22.61
N LYS B 161 28.50 20.07 -23.82
CA LYS B 161 27.80 20.45 -25.03
C LYS B 161 27.05 19.27 -25.62
N ASP B 162 25.73 19.41 -25.75
CA ASP B 162 24.90 18.33 -26.26
C ASP B 162 24.60 18.50 -27.75
N ILE B 163 24.85 17.47 -28.53
CA ILE B 163 24.62 17.50 -29.97
C ILE B 163 23.66 16.41 -30.44
N LEU B 164 23.14 16.58 -31.65
CA LEU B 164 22.23 15.61 -32.25
C LEU B 164 22.99 14.67 -33.19
N VAL B 165 22.77 13.37 -33.04
CA VAL B 165 23.47 12.39 -33.87
C VAL B 165 22.55 11.30 -34.38
N ALA B 166 23.04 10.56 -35.37
CA ALA B 166 22.32 9.43 -35.96
C ALA B 166 23.30 8.56 -36.72
N SER B 167 23.02 7.26 -36.77
CA SER B 167 23.88 6.34 -37.52
C SER B 167 23.60 6.50 -39.01
N PRO B 168 24.63 6.27 -39.83
CA PRO B 168 24.48 6.33 -41.29
C PRO B 168 23.37 5.40 -41.78
N GLN B 169 23.24 4.24 -41.14
CA GLN B 169 22.22 3.27 -41.53
C GLN B 169 20.82 3.88 -41.47
N TYR B 170 20.55 4.62 -40.40
CA TYR B 170 19.26 5.29 -40.23
C TYR B 170 19.09 6.42 -41.23
N LEU B 171 20.15 7.17 -41.45
CA LEU B 171 20.08 8.34 -42.33
C LEU B 171 19.88 7.97 -43.80
N SER B 172 20.40 6.82 -44.20
CA SER B 172 20.21 6.35 -45.57
C SER B 172 18.75 5.95 -45.77
N SER B 173 18.10 5.56 -44.68
CA SER B 173 16.69 5.19 -44.71
C SER B 173 15.83 6.44 -44.58
N HIS B 174 16.15 7.28 -43.61
CA HIS B 174 15.43 8.53 -43.40
C HIS B 174 16.35 9.71 -43.67
N PRO B 175 16.13 10.42 -44.81
CA PRO B 175 16.94 11.59 -45.15
C PRO B 175 16.97 12.58 -43.97
N GLN B 176 18.16 13.01 -43.58
CA GLN B 176 18.29 13.84 -42.39
C GLN B 176 17.55 15.18 -42.50
N PRO B 177 17.01 15.66 -41.38
CA PRO B 177 16.24 16.91 -41.32
C PRO B 177 17.15 18.14 -41.40
N THR B 178 16.64 19.22 -41.99
CA THR B 178 17.38 20.46 -42.10
C THR B 178 16.85 21.48 -41.11
N HIS B 179 15.64 21.23 -40.61
CA HIS B 179 15.00 22.10 -39.63
C HIS B 179 14.62 21.27 -38.42
N ALA B 180 14.85 21.81 -37.22
CA ALA B 180 14.57 21.09 -35.98
C ALA B 180 13.09 20.72 -35.84
N GLU B 181 12.23 21.44 -36.56
CA GLU B 181 10.79 21.19 -36.48
C GLU B 181 10.44 19.89 -37.19
N GLU B 182 11.32 19.45 -38.08
CA GLU B 182 11.11 18.23 -38.85
C GLU B 182 11.34 16.98 -37.99
N LEU B 183 11.83 17.18 -36.77
CA LEU B 183 12.13 16.07 -35.88
C LEU B 183 10.89 15.27 -35.52
N HIS B 184 9.73 15.90 -35.64
CA HIS B 184 8.46 15.23 -35.40
C HIS B 184 8.22 14.12 -36.43
N GLN B 185 8.86 14.23 -37.58
CA GLN B 185 8.72 13.22 -38.63
C GLN B 185 9.80 12.16 -38.56
N HIS B 186 10.59 12.18 -37.48
CA HIS B 186 11.68 11.22 -37.32
C HIS B 186 11.54 10.38 -36.07
N GLN B 187 12.19 9.23 -36.07
CA GLN B 187 12.28 8.39 -34.88
C GLN B 187 13.30 8.99 -33.91
N LEU B 188 12.83 9.44 -32.75
CA LEU B 188 13.70 10.10 -31.79
C LEU B 188 14.03 9.18 -30.62
N LEU B 189 15.25 9.30 -30.11
CA LEU B 189 15.68 8.51 -28.97
C LEU B 189 16.12 9.46 -27.85
N LYS B 190 15.39 9.43 -26.74
CA LYS B 190 15.64 10.37 -25.66
C LYS B 190 16.04 9.69 -24.35
N GLY B 191 17.07 10.22 -23.70
CA GLY B 191 17.49 9.72 -22.41
C GLY B 191 17.59 10.84 -21.40
N TYR B 192 17.31 10.54 -20.14
CA TYR B 192 17.36 11.54 -19.08
C TYR B 192 18.80 12.02 -18.87
N PRO B 193 18.98 13.32 -18.57
CA PRO B 193 17.92 14.33 -18.43
C PRO B 193 17.72 15.16 -19.69
N LEU B 194 17.96 14.56 -20.86
CA LEU B 194 17.81 15.27 -22.12
C LEU B 194 16.56 14.80 -22.86
N LEU B 195 15.41 14.92 -22.19
CA LEU B 195 14.14 14.53 -22.76
C LEU B 195 13.48 15.71 -23.50
N LYS B 196 13.65 16.91 -22.95
CA LYS B 196 13.10 18.10 -23.58
C LYS B 196 14.19 18.82 -24.37
N TRP B 197 14.14 18.69 -25.69
CA TRP B 197 15.14 19.28 -26.56
C TRP B 197 14.82 20.74 -26.89
N GLN B 198 15.73 21.63 -26.51
CA GLN B 198 15.62 23.04 -26.87
C GLN B 198 16.75 23.45 -27.81
N LEU B 199 16.42 23.69 -29.06
CA LEU B 199 17.44 23.97 -30.08
C LEU B 199 17.23 25.34 -30.73
N THR B 200 18.33 26.08 -30.89
CA THR B 200 18.30 27.38 -31.54
C THR B 200 19.25 27.38 -32.73
N ASN B 201 18.81 27.96 -33.84
CA ASN B 201 19.63 28.01 -35.05
C ASN B 201 20.30 29.36 -35.27
N SER B 202 20.82 29.58 -36.48
CA SER B 202 21.54 30.81 -36.79
C SER B 202 20.67 32.06 -36.83
N GLN B 203 19.38 31.87 -37.09
CA GLN B 203 18.46 33.00 -37.25
C GLN B 203 17.83 33.41 -35.92
N GLY B 204 18.25 32.75 -34.84
CA GLY B 204 17.72 33.02 -33.52
C GLY B 204 16.37 32.36 -33.30
N GLU B 205 16.10 31.32 -34.07
CA GLU B 205 14.84 30.60 -33.97
C GLU B 205 14.98 29.38 -33.05
N THR B 206 14.11 29.32 -32.05
CA THR B 206 14.11 28.21 -31.09
C THR B 206 12.92 27.27 -31.29
N VAL B 207 13.22 25.99 -31.42
CA VAL B 207 12.17 24.97 -31.42
C VAL B 207 12.40 24.03 -30.24
N VAL B 208 11.30 23.67 -29.57
CA VAL B 208 11.36 22.78 -28.43
C VAL B 208 10.62 21.48 -28.74
N ASN B 209 11.35 20.37 -28.68
CA ASN B 209 10.75 19.06 -28.95
C ASN B 209 10.46 18.31 -27.66
N SER B 210 9.18 18.04 -27.42
CA SER B 210 8.76 17.35 -26.21
C SER B 210 8.20 15.96 -26.46
N ASP B 211 8.38 15.45 -27.67
CA ASP B 211 7.94 14.10 -28.00
C ASP B 211 8.48 13.11 -26.98
N ARG B 212 7.75 12.02 -26.78
CA ARG B 212 8.17 10.98 -25.85
C ARG B 212 9.24 10.10 -26.51
N GLY B 213 9.21 10.06 -27.83
CA GLY B 213 10.21 9.34 -28.60
C GLY B 213 9.94 7.86 -28.78
N ARG B 214 10.54 7.28 -29.81
CA ARG B 214 10.47 5.85 -30.06
C ARG B 214 11.06 5.11 -28.88
N PHE B 215 12.06 5.74 -28.25
CA PHE B 215 12.75 5.12 -27.12
C PHE B 215 13.12 6.17 -26.07
N GLN B 216 12.56 5.99 -24.87
CA GLN B 216 12.86 6.88 -23.76
C GLN B 216 13.46 6.09 -22.60
N ALA B 217 14.62 6.53 -22.13
CA ALA B 217 15.32 5.85 -21.05
C ALA B 217 15.72 6.83 -19.94
N SER B 218 15.95 6.29 -18.75
CA SER B 218 16.34 7.10 -17.60
C SER B 218 17.84 7.39 -17.62
N ALA B 219 18.55 6.77 -18.55
CA ALA B 219 19.98 6.98 -18.70
C ALA B 219 20.35 7.10 -20.17
N LEU B 220 21.45 7.78 -20.45
CA LEU B 220 21.84 8.12 -21.82
C LEU B 220 22.64 7.04 -22.55
N ASN B 221 23.33 6.20 -21.79
CA ASN B 221 24.16 5.16 -22.41
C ASN B 221 23.36 4.18 -23.26
N VAL B 222 22.22 3.73 -22.75
CA VAL B 222 21.37 2.80 -23.49
C VAL B 222 20.77 3.47 -24.72
N VAL B 223 20.48 4.76 -24.62
CA VAL B 223 19.97 5.52 -25.74
C VAL B 223 21.04 5.65 -26.82
N ARG B 224 22.26 5.91 -26.38
CA ARG B 224 23.40 5.99 -27.29
C ARG B 224 23.52 4.68 -28.07
N SER B 225 23.35 3.57 -27.36
CA SER B 225 23.41 2.25 -27.99
C SER B 225 22.34 2.09 -29.07
N ALA B 226 21.10 2.44 -28.73
CA ALA B 226 19.99 2.33 -29.67
C ALA B 226 20.28 3.17 -30.92
N CYS B 227 20.92 4.31 -30.72
CA CYS B 227 21.26 5.19 -31.84
C CYS B 227 22.25 4.52 -32.78
N SER B 228 23.28 3.89 -32.21
CA SER B 228 24.26 3.17 -33.02
C SER B 228 23.62 2.08 -33.84
N GLU B 229 22.56 1.47 -33.30
CA GLU B 229 21.84 0.42 -34.01
C GLU B 229 20.89 0.99 -35.05
N GLY B 230 20.91 2.32 -35.20
CA GLY B 230 20.16 2.99 -36.24
C GLY B 230 18.67 3.09 -36.00
N LEU B 231 18.29 3.30 -34.73
CA LEU B 231 16.88 3.37 -34.37
C LEU B 231 16.34 4.80 -34.34
N GLY B 232 17.21 5.77 -34.62
CA GLY B 232 16.77 7.15 -34.71
C GLY B 232 17.78 8.20 -34.29
N ILE B 233 17.29 9.42 -34.09
CA ILE B 233 18.13 10.55 -33.69
C ILE B 233 18.04 10.80 -32.19
N THR B 234 19.17 11.13 -31.59
CA THR B 234 19.21 11.42 -30.16
C THR B 234 20.00 12.69 -29.85
N LEU B 235 19.82 13.20 -28.64
CA LEU B 235 20.59 14.35 -28.17
C LEU B 235 21.52 13.89 -27.06
N MET B 236 22.82 14.04 -27.28
CA MET B 236 23.80 13.48 -26.36
C MET B 236 25.00 14.38 -26.15
N PRO B 237 25.54 14.41 -24.92
CA PRO B 237 26.78 15.14 -24.63
C PRO B 237 27.88 14.71 -25.59
N ASP B 238 28.50 15.68 -26.26
CA ASP B 238 29.53 15.39 -27.24
C ASP B 238 30.66 14.53 -26.67
N VAL B 239 30.89 14.65 -25.37
CA VAL B 239 31.96 13.92 -24.71
C VAL B 239 31.73 12.41 -24.75
N MET B 240 30.48 12.01 -24.93
CA MET B 240 30.13 10.58 -25.02
C MET B 240 30.19 10.10 -26.46
N LEU B 241 30.43 11.02 -27.38
CA LEU B 241 30.31 10.72 -28.81
C LEU B 241 31.62 10.71 -29.57
N ARG B 242 32.69 11.18 -28.92
CA ARG B 242 34.00 11.26 -29.56
C ARG B 242 34.37 9.98 -30.32
N GLU B 243 34.31 8.85 -29.63
CA GLU B 243 34.72 7.57 -30.23
C GLU B 243 33.91 7.24 -31.47
N PHE B 244 32.62 7.55 -31.44
CA PHE B 244 31.71 7.16 -32.52
C PHE B 244 31.73 8.16 -33.67
N LEU B 245 31.93 9.42 -33.36
CA LEU B 245 32.13 10.43 -34.41
C LEU B 245 33.46 10.15 -35.09
N GLU B 246 34.44 9.75 -34.29
CA GLU B 246 35.77 9.40 -34.80
C GLU B 246 35.69 8.30 -35.86
N ASP B 247 35.04 7.20 -35.53
CA ASP B 247 34.96 6.06 -36.45
C ASP B 247 33.76 6.15 -37.40
N GLY B 248 32.96 7.19 -37.26
CA GLY B 248 31.89 7.47 -38.19
C GLY B 248 30.65 6.60 -38.09
N SER B 249 30.58 5.79 -37.03
CA SER B 249 29.40 4.98 -36.79
C SER B 249 28.22 5.86 -36.38
N LEU B 250 28.55 7.04 -35.87
CA LEU B 250 27.55 8.07 -35.58
C LEU B 250 27.97 9.37 -36.24
N VAL B 251 27.01 10.07 -36.83
CA VAL B 251 27.28 11.36 -37.46
C VAL B 251 26.33 12.44 -36.92
N GLN B 252 26.83 13.66 -36.84
CA GLN B 252 26.05 14.77 -36.32
C GLN B 252 25.03 15.25 -37.35
N VAL B 253 23.86 15.66 -36.86
CA VAL B 253 22.82 16.21 -37.73
C VAL B 253 22.32 17.54 -37.17
N LEU B 254 21.74 18.37 -38.04
CA LEU B 254 21.22 19.67 -37.62
C LEU B 254 22.29 20.47 -36.89
N SER B 255 23.41 20.74 -37.56
CA SER B 255 24.54 21.43 -36.95
C SER B 255 24.31 22.93 -36.77
N ASP B 256 23.36 23.48 -37.51
CA ASP B 256 23.02 24.89 -37.36
C ASP B 256 22.21 25.08 -36.08
N TRP B 257 21.65 23.98 -35.59
CA TRP B 257 20.82 24.00 -34.40
C TRP B 257 21.63 23.67 -33.14
N SER B 258 21.80 24.66 -32.27
CA SER B 258 22.63 24.51 -31.09
C SER B 258 21.81 24.35 -29.82
N SER B 259 22.22 23.41 -28.99
CA SER B 259 21.65 23.27 -27.66
C SER B 259 22.56 23.97 -26.66
N ASN B 260 21.98 24.79 -25.80
CA ASN B 260 22.76 25.56 -24.83
C ASN B 260 23.62 24.67 -23.93
N PRO B 261 24.93 24.93 -23.90
CA PRO B 261 25.88 24.18 -23.07
C PRO B 261 25.47 24.18 -21.61
N ARG B 262 25.58 23.03 -20.96
CA ARG B 262 25.23 22.93 -19.54
C ARG B 262 26.47 22.97 -18.67
N ASP B 263 26.49 23.91 -17.74
CA ASP B 263 27.64 24.10 -16.86
C ASP B 263 27.74 23.02 -15.80
N ILE B 264 28.98 22.62 -15.48
CA ILE B 264 29.24 21.64 -14.43
C ILE B 264 29.69 22.35 -13.17
N TYR B 265 28.99 22.13 -12.06
CA TYR B 265 29.28 22.85 -10.83
C TYR B 265 29.72 21.96 -9.67
N MET B 266 30.70 22.44 -8.93
CA MET B 266 31.10 21.83 -7.68
C MET B 266 30.56 22.68 -6.53
N LEU B 267 29.63 22.11 -5.76
CA LEU B 267 29.03 22.83 -4.65
C LEU B 267 29.51 22.26 -3.32
N TYR B 268 29.66 23.13 -2.33
CA TYR B 268 29.95 22.69 -0.97
C TYR B 268 29.43 23.66 0.08
N ASN B 269 29.27 23.17 1.31
CA ASN B 269 28.66 23.94 2.39
C ASN B 269 29.58 25.00 2.99
N HIS B 270 28.98 26.08 3.48
CA HIS B 270 29.71 27.10 4.21
C HIS B 270 30.00 26.57 5.61
N LYS B 271 31.26 26.64 6.02
CA LYS B 271 31.65 26.06 7.30
C LYS B 271 32.50 27.01 8.14
N ASP B 272 33.46 27.67 7.50
CA ASP B 272 34.50 28.44 8.19
C ASP B 272 35.44 27.48 8.91
N HIS B 273 34.97 26.26 9.12
CA HIS B 273 35.79 25.17 9.64
C HIS B 273 35.65 23.96 8.73
N GLN B 274 36.38 23.95 7.63
CA GLN B 274 36.37 22.82 6.71
C GLN B 274 37.48 21.84 7.06
N PRO B 275 37.11 20.56 7.24
CA PRO B 275 38.11 19.53 7.53
C PRO B 275 39.17 19.48 6.44
N GLU B 276 40.42 19.22 6.82
CA GLU B 276 41.52 19.17 5.87
C GLU B 276 41.18 18.29 4.67
N LYS B 277 40.52 17.16 4.95
CA LYS B 277 40.16 16.21 3.89
C LYS B 277 39.33 16.88 2.79
N VAL B 278 38.41 17.75 3.20
CA VAL B 278 37.55 18.43 2.24
C VAL B 278 38.25 19.60 1.55
N ARG B 279 39.08 20.32 2.31
CA ARG B 279 39.85 21.41 1.75
C ARG B 279 40.80 20.89 0.68
N LEU B 280 41.47 19.78 0.99
CA LEU B 280 42.40 19.15 0.04
C LEU B 280 41.68 18.74 -1.24
N PHE B 281 40.46 18.25 -1.11
CA PHE B 281 39.69 17.79 -2.26
C PHE B 281 39.25 18.94 -3.16
N ILE B 282 38.67 19.97 -2.55
CA ILE B 282 38.22 21.14 -3.30
C ILE B 282 39.35 21.75 -4.13
N ASP B 283 40.46 22.04 -3.48
CA ASP B 283 41.60 22.66 -4.16
C ASP B 283 42.18 21.77 -5.25
N PHE B 284 42.06 20.46 -5.07
CA PHE B 284 42.56 19.51 -6.07
C PHE B 284 41.71 19.55 -7.32
N VAL B 285 40.39 19.59 -7.15
CA VAL B 285 39.47 19.67 -8.27
C VAL B 285 39.70 20.93 -9.09
N ILE B 286 39.99 22.03 -8.38
CA ILE B 286 40.23 23.31 -9.03
C ILE B 286 41.44 23.25 -9.95
N GLY B 287 42.57 22.79 -9.41
CA GLY B 287 43.81 22.71 -10.16
C GLY B 287 43.77 21.65 -11.25
N TYR B 288 42.77 20.77 -11.19
CA TYR B 288 42.62 19.71 -12.19
C TYR B 288 41.97 20.28 -13.44
N HIS B 289 42.33 19.72 -14.60
CA HIS B 289 41.80 20.22 -15.87
C HIS B 289 40.71 19.31 -16.42
N LEU B 290 39.55 19.89 -16.71
CA LEU B 290 38.40 19.15 -17.22
C LEU B 290 37.81 18.23 -16.15
N MET C 1 -21.77 -9.75 -22.86
CA MET C 1 -20.32 -9.66 -22.87
C MET C 1 -19.58 -10.34 -21.70
N LYS C 2 -20.13 -10.27 -20.49
CA LYS C 2 -21.45 -9.74 -20.23
C LYS C 2 -21.47 -8.24 -19.91
N LEU C 3 -22.60 -7.60 -20.20
CA LEU C 3 -22.78 -6.18 -19.94
C LEU C 3 -22.94 -5.92 -18.44
N ASP C 4 -23.51 -6.88 -17.74
CA ASP C 4 -23.66 -6.78 -16.29
C ASP C 4 -22.29 -6.88 -15.61
N ASP C 5 -21.41 -7.69 -16.19
CA ASP C 5 -20.04 -7.78 -15.68
C ASP C 5 -19.34 -6.45 -15.85
N LEU C 6 -19.49 -5.84 -17.02
CA LEU C 6 -18.90 -4.53 -17.27
C LEU C 6 -19.42 -3.50 -16.27
N ASN C 7 -20.73 -3.46 -16.10
CA ASN C 7 -21.35 -2.55 -15.14
C ASN C 7 -20.84 -2.76 -13.72
N LEU C 8 -20.60 -4.01 -13.34
CA LEU C 8 -20.04 -4.31 -12.04
C LEU C 8 -18.63 -3.76 -11.94
N PHE C 9 -17.85 -3.97 -13.00
CA PHE C 9 -16.51 -3.42 -13.10
C PHE C 9 -16.53 -1.93 -12.80
N ARG C 10 -17.45 -1.22 -13.44
CA ARG C 10 -17.64 0.20 -13.19
C ARG C 10 -17.92 0.45 -11.71
N LEU C 11 -18.85 -0.32 -11.16
CA LEU C 11 -19.22 -0.18 -9.76
C LEU C 11 -18.04 -0.38 -8.82
N VAL C 12 -17.17 -1.32 -9.16
CA VAL C 12 -15.98 -1.57 -8.38
C VAL C 12 -15.03 -0.37 -8.41
N VAL C 13 -14.76 0.12 -9.62
CA VAL C 13 -13.89 1.27 -9.80
C VAL C 13 -14.37 2.47 -8.98
N GLU C 14 -15.65 2.79 -9.11
CA GLU C 14 -16.23 3.95 -8.43
C GLU C 14 -16.13 3.84 -6.91
N ASN C 15 -16.18 2.63 -6.39
CA ASN C 15 -16.00 2.41 -4.95
C ASN C 15 -14.52 2.27 -4.61
N GLY C 16 -13.76 1.68 -5.52
CA GLY C 16 -12.32 1.57 -5.36
C GLY C 16 -11.89 0.41 -4.47
N SER C 17 -12.68 -0.66 -4.45
CA SER C 17 -12.35 -1.83 -3.65
C SER C 17 -13.38 -2.93 -3.82
N TYR C 18 -12.91 -4.18 -3.78
CA TYR C 18 -13.79 -5.35 -3.84
C TYR C 18 -14.69 -5.40 -2.61
N THR C 19 -14.05 -5.38 -1.44
CA THR C 19 -14.78 -5.41 -0.17
C THR C 19 -15.83 -4.32 -0.10
N SER C 20 -15.42 -3.09 -0.38
CA SER C 20 -16.32 -1.94 -0.33
C SER C 20 -17.54 -2.17 -1.22
N THR C 21 -17.31 -2.63 -2.43
CA THR C 21 -18.37 -2.86 -3.40
C THR C 21 -19.31 -3.97 -2.94
N SER C 22 -18.78 -4.92 -2.19
CA SER C 22 -19.56 -6.05 -1.71
C SER C 22 -20.69 -5.61 -0.79
N LYS C 23 -20.36 -4.80 0.20
CA LYS C 23 -21.34 -4.36 1.19
C LYS C 23 -22.27 -3.30 0.61
N LYS C 24 -21.89 -2.71 -0.52
CA LYS C 24 -22.67 -1.64 -1.13
C LYS C 24 -23.62 -2.18 -2.20
N THR C 25 -23.28 -3.32 -2.79
CA THR C 25 -24.06 -3.87 -3.88
C THR C 25 -24.85 -5.12 -3.48
N MET C 26 -24.69 -5.53 -2.23
CA MET C 26 -25.32 -6.76 -1.74
C MET C 26 -24.87 -7.95 -2.58
N ILE C 27 -23.62 -7.91 -3.02
CA ILE C 27 -23.03 -9.01 -3.77
C ILE C 27 -21.75 -9.46 -3.08
N PRO C 28 -21.62 -10.77 -2.81
CA PRO C 28 -20.47 -11.29 -2.07
C PRO C 28 -19.15 -11.08 -2.81
N VAL C 29 -18.11 -10.74 -2.05
CA VAL C 29 -16.78 -10.52 -2.61
C VAL C 29 -16.36 -11.66 -3.55
N ALA C 30 -16.77 -12.88 -3.22
CA ALA C 30 -16.42 -14.05 -4.02
C ALA C 30 -17.08 -14.00 -5.40
N THR C 31 -18.37 -13.73 -5.43
CA THR C 31 -19.10 -13.63 -6.69
C THR C 31 -18.55 -12.48 -7.53
N ILE C 32 -18.11 -11.42 -6.86
CA ILE C 32 -17.50 -10.28 -7.53
C ILE C 32 -16.21 -10.68 -8.22
N THR C 33 -15.34 -11.37 -7.48
CA THR C 33 -14.08 -11.87 -8.05
C THR C 33 -14.37 -12.76 -9.25
N ARG C 34 -15.36 -13.61 -9.11
CA ARG C 34 -15.71 -14.56 -10.16
C ARG C 34 -16.08 -13.84 -11.45
N ARG C 35 -16.93 -12.82 -11.34
CA ARG C 35 -17.48 -12.12 -12.49
C ARG C 35 -16.46 -11.18 -13.14
N ILE C 36 -15.67 -10.50 -12.32
CA ILE C 36 -14.60 -9.65 -12.84
C ILE C 36 -13.60 -10.51 -13.61
N GLN C 37 -13.36 -11.72 -13.12
CA GLN C 37 -12.50 -12.67 -13.80
C GLN C 37 -13.13 -13.10 -15.11
N ALA C 38 -14.43 -13.39 -15.07
CA ALA C 38 -15.16 -13.77 -16.27
C ALA C 38 -15.07 -12.69 -17.33
N LEU C 39 -15.24 -11.44 -16.91
CA LEU C 39 -15.16 -10.29 -17.81
C LEU C 39 -13.79 -10.21 -18.48
N GLU C 40 -12.74 -10.34 -17.69
CA GLU C 40 -11.38 -10.26 -18.20
C GLU C 40 -11.04 -11.44 -19.11
N ASP C 41 -11.67 -12.59 -18.85
CA ASP C 41 -11.45 -13.77 -19.67
C ASP C 41 -12.12 -13.64 -21.03
N SER C 42 -13.28 -12.99 -21.07
CA SER C 42 -14.01 -12.79 -22.31
C SER C 42 -13.36 -11.71 -23.16
N LEU C 43 -12.67 -10.77 -22.50
CA LEU C 43 -11.97 -9.70 -23.19
C LEU C 43 -10.56 -10.15 -23.56
N ASN C 44 -10.04 -11.12 -22.82
CA ASN C 44 -8.63 -11.48 -22.90
C ASN C 44 -7.77 -10.28 -22.54
N LEU C 45 -8.26 -9.48 -21.59
CA LEU C 45 -7.56 -8.29 -21.12
C LEU C 45 -7.69 -8.14 -19.62
N ARG C 46 -6.61 -7.69 -18.99
CA ARG C 46 -6.64 -7.42 -17.55
C ARG C 46 -7.04 -5.98 -17.31
N LEU C 47 -8.14 -5.78 -16.58
CA LEU C 47 -8.65 -4.45 -16.31
C LEU C 47 -8.16 -3.90 -14.98
N LEU C 48 -8.17 -4.73 -13.95
CA LEU C 48 -7.71 -4.33 -12.63
C LEU C 48 -6.36 -4.96 -12.29
N ASN C 49 -5.59 -4.24 -11.46
CA ASN C 49 -4.42 -4.81 -10.83
C ASN C 49 -4.76 -5.11 -9.37
N ARG C 50 -4.97 -6.38 -9.06
CA ARG C 50 -5.55 -6.77 -7.79
C ARG C 50 -4.55 -7.01 -6.66
N HIS C 51 -3.59 -7.92 -6.88
CA HIS C 51 -2.66 -8.32 -5.83
C HIS C 51 -2.30 -7.18 -4.87
N ALA C 52 -2.02 -6.01 -5.44
CA ALA C 52 -1.76 -4.83 -4.62
C ALA C 52 -3.06 -4.36 -3.97
N ARG C 53 -3.10 -4.37 -2.65
CA ARG C 53 -4.33 -4.07 -1.91
C ARG C 53 -4.95 -2.73 -2.29
N LYS C 54 -4.20 -1.92 -3.04
CA LYS C 54 -4.69 -0.63 -3.51
C LYS C 54 -5.76 -0.82 -4.59
N LEU C 55 -5.52 -1.80 -5.46
CA LEU C 55 -6.43 -2.09 -6.57
C LEU C 55 -6.41 -0.98 -7.61
N THR C 56 -5.48 -1.07 -8.56
CA THR C 56 -5.32 -0.06 -9.59
C THR C 56 -6.03 -0.47 -10.89
N LEU C 57 -6.16 0.47 -11.81
CA LEU C 57 -6.72 0.19 -13.12
C LEU C 57 -5.63 0.11 -14.17
N THR C 58 -5.65 -0.95 -14.98
CA THR C 58 -4.68 -1.12 -16.04
C THR C 58 -5.03 -0.20 -17.21
N GLU C 59 -4.20 -0.21 -18.24
CA GLU C 59 -4.42 0.61 -19.42
C GLU C 59 -5.79 0.31 -20.02
N ALA C 60 -6.06 -0.97 -20.24
CA ALA C 60 -7.35 -1.40 -20.77
C ALA C 60 -8.47 -1.01 -19.81
N GLY C 61 -8.23 -1.17 -18.52
CA GLY C 61 -9.22 -0.81 -17.51
C GLY C 61 -9.57 0.66 -17.57
N GLU C 62 -8.56 1.52 -17.49
CA GLU C 62 -8.76 2.95 -17.60
C GLU C 62 -9.60 3.31 -18.83
N ARG C 63 -9.34 2.63 -19.93
CA ARG C 63 -10.02 2.93 -21.19
C ARG C 63 -11.49 2.49 -21.16
N PHE C 64 -11.74 1.30 -20.63
CA PHE C 64 -13.09 0.77 -20.55
C PHE C 64 -13.97 1.59 -19.61
N TYR C 65 -13.38 2.04 -18.51
CA TYR C 65 -14.12 2.85 -17.55
C TYR C 65 -14.47 4.22 -18.14
N LYS C 66 -13.46 4.90 -18.67
CA LYS C 66 -13.65 6.25 -19.21
C LYS C 66 -14.76 6.31 -20.26
N ASP C 67 -14.77 5.36 -21.17
CA ASP C 67 -15.65 5.42 -22.34
C ASP C 67 -17.04 4.82 -22.12
N CYS C 68 -17.12 3.75 -21.34
CA CYS C 68 -18.37 3.03 -21.14
C CYS C 68 -19.17 3.51 -19.92
N SER C 69 -18.47 4.09 -18.94
CA SER C 69 -19.11 4.52 -17.71
C SER C 69 -20.32 5.44 -17.95
N PRO C 70 -20.14 6.49 -18.76
CA PRO C 70 -21.25 7.40 -19.05
C PRO C 70 -22.48 6.68 -19.62
N LEU C 71 -22.26 5.74 -20.53
CA LEU C 71 -23.37 4.98 -21.12
C LEU C 71 -24.03 4.08 -20.08
N LEU C 72 -23.22 3.43 -19.26
CA LEU C 72 -23.74 2.56 -18.20
C LEU C 72 -24.59 3.35 -17.19
N GLU C 73 -24.09 4.51 -16.77
CA GLU C 73 -24.81 5.35 -15.82
C GLU C 73 -26.17 5.75 -16.36
N ARG C 74 -26.19 6.24 -17.60
CA ARG C 74 -27.43 6.67 -18.23
C ARG C 74 -28.39 5.50 -18.38
N LEU C 75 -27.83 4.32 -18.62
CA LEU C 75 -28.63 3.11 -18.81
C LEU C 75 -29.29 2.69 -17.51
N ALA C 76 -28.49 2.62 -16.44
CA ALA C 76 -29.01 2.24 -15.12
C ALA C 76 -30.02 3.27 -14.62
N SER C 77 -29.81 4.53 -15.01
CA SER C 77 -30.73 5.60 -14.64
C SER C 77 -32.01 5.50 -15.48
N MET C 78 -31.86 5.04 -16.71
CA MET C 78 -32.98 4.95 -17.64
C MET C 78 -33.92 3.79 -17.30
N THR C 79 -33.36 2.61 -17.10
CA THR C 79 -34.14 1.43 -16.76
C THR C 79 -34.80 1.60 -15.39
N GLU C 80 -34.23 2.49 -14.58
CA GLU C 80 -34.77 2.82 -13.28
C GLU C 80 -36.02 3.67 -13.42
N GLU C 81 -35.93 4.70 -14.25
CA GLU C 81 -37.02 5.66 -14.42
C GLU C 81 -38.07 5.16 -15.41
N ILE C 82 -37.87 3.95 -15.92
CA ILE C 82 -38.88 3.32 -16.76
C ILE C 82 -39.68 2.34 -15.90
N THR C 83 -38.97 1.53 -15.13
CA THR C 83 -39.61 0.62 -14.19
C THR C 83 -40.22 1.42 -13.03
N ASP C 84 -39.83 2.68 -12.92
CA ASP C 84 -40.41 3.57 -11.93
C ASP C 84 -41.84 3.93 -12.31
N GLU C 85 -42.02 4.33 -13.57
CA GLU C 85 -43.30 4.85 -14.04
C GLU C 85 -44.26 3.74 -14.46
N CYS C 86 -43.72 2.72 -15.12
CA CYS C 86 -44.54 1.61 -15.62
C CYS C 86 -44.95 0.66 -14.50
N ARG C 87 -44.09 0.53 -13.50
CA ARG C 87 -44.37 -0.37 -12.38
C ARG C 87 -45.03 0.38 -11.22
N GLY C 88 -45.04 -0.24 -10.05
CA GLY C 88 -45.71 0.33 -8.89
C GLY C 88 -47.09 -0.30 -8.75
N ALA C 89 -47.58 -0.40 -7.51
CA ALA C 89 -46.87 0.12 -6.34
C ALA C 89 -45.88 -0.89 -5.78
N SER C 90 -45.40 -1.79 -6.63
CA SER C 90 -44.41 -2.78 -6.20
C SER C 90 -42.99 -2.28 -6.47
N GLY C 91 -42.01 -3.12 -6.20
CA GLY C 91 -40.62 -2.77 -6.43
C GLY C 91 -39.81 -2.68 -5.16
N ARG C 92 -38.53 -2.35 -5.30
CA ARG C 92 -37.63 -2.29 -4.16
C ARG C 92 -37.25 -0.85 -3.80
N ILE C 93 -37.22 -0.56 -2.50
CA ILE C 93 -36.78 0.74 -2.01
C ILE C 93 -35.41 0.60 -1.35
N ARG C 94 -34.44 1.35 -1.86
CA ARG C 94 -33.10 1.36 -1.27
C ARG C 94 -33.03 2.39 -0.14
N ILE C 95 -32.75 1.92 1.07
CA ILE C 95 -32.76 2.79 2.24
C ILE C 95 -31.40 2.86 2.93
N SER C 96 -30.97 4.07 3.26
CA SER C 96 -29.76 4.26 4.05
C SER C 96 -30.13 4.69 5.47
N ALA C 97 -29.41 4.15 6.45
CA ALA C 97 -29.70 4.45 7.84
C ALA C 97 -28.43 4.34 8.69
N PRO C 98 -28.43 4.95 9.89
CA PRO C 98 -27.30 4.84 10.81
C PRO C 98 -27.23 3.45 11.44
N SER C 99 -26.02 2.92 11.58
CA SER C 99 -25.83 1.65 12.26
C SER C 99 -26.30 1.76 13.70
N GLU C 100 -26.10 2.94 14.27
CA GLU C 100 -26.35 3.20 15.68
C GLU C 100 -27.76 2.84 16.15
N LEU C 101 -28.75 3.56 15.63
CA LEU C 101 -30.09 3.52 16.21
C LEU C 101 -31.15 2.78 15.39
N THR C 102 -30.78 2.30 14.22
CA THR C 102 -31.75 1.68 13.30
C THR C 102 -32.53 0.52 13.93
N LYS C 103 -31.83 -0.55 14.28
CA LYS C 103 -32.44 -1.75 14.86
C LYS C 103 -33.48 -1.42 15.93
N ARG C 104 -33.12 -0.53 16.84
CA ARG C 104 -33.94 -0.22 18.00
C ARG C 104 -35.12 0.68 17.65
N MET C 105 -34.95 1.52 16.63
CA MET C 105 -35.90 2.59 16.37
C MET C 105 -36.62 2.46 15.03
N MET C 106 -35.88 2.12 13.98
CA MET C 106 -36.45 2.11 12.63
C MET C 106 -37.13 0.79 12.29
N MET C 107 -36.56 -0.32 12.74
CA MET C 107 -37.08 -1.65 12.39
C MET C 107 -38.55 -1.86 12.70
N PRO C 108 -39.02 -1.43 13.88
CA PRO C 108 -40.46 -1.54 14.14
C PRO C 108 -41.27 -0.87 13.05
N MET C 109 -40.82 0.31 12.61
CA MET C 109 -41.50 1.06 11.56
C MET C 109 -41.31 0.40 10.20
N PHE C 110 -40.07 0.01 9.91
CA PHE C 110 -39.76 -0.67 8.66
C PHE C 110 -40.53 -1.97 8.53
N ASN C 111 -40.61 -2.73 9.62
CA ASN C 111 -41.36 -3.98 9.65
C ASN C 111 -42.84 -3.75 9.42
N ALA C 112 -43.38 -2.70 10.05
CA ALA C 112 -44.78 -2.36 9.90
C ALA C 112 -45.11 -2.00 8.45
N PHE C 113 -44.19 -1.29 7.79
CA PHE C 113 -44.37 -0.91 6.40
C PHE C 113 -44.44 -2.13 5.49
N MET C 114 -43.46 -3.03 5.62
CA MET C 114 -43.41 -4.23 4.81
C MET C 114 -44.63 -5.12 5.08
N GLU C 115 -45.16 -5.04 6.30
CA GLU C 115 -46.34 -5.80 6.65
C GLU C 115 -47.56 -5.22 5.95
N LYS C 116 -47.61 -3.89 5.84
CA LYS C 116 -48.73 -3.22 5.20
C LYS C 116 -48.60 -3.23 3.67
N TYR C 117 -47.37 -3.25 3.17
CA TYR C 117 -47.13 -3.27 1.73
C TYR C 117 -46.24 -4.44 1.34
N PRO C 118 -46.84 -5.65 1.26
CA PRO C 118 -46.13 -6.90 0.98
C PRO C 118 -45.33 -6.88 -0.33
N ASP C 119 -45.89 -6.27 -1.38
CA ASP C 119 -45.24 -6.25 -2.69
C ASP C 119 -44.07 -5.27 -2.76
N ILE C 120 -43.91 -4.44 -1.73
CA ILE C 120 -42.79 -3.51 -1.68
C ILE C 120 -41.65 -4.06 -0.84
N HIS C 121 -40.52 -4.32 -1.49
CA HIS C 121 -39.37 -4.90 -0.82
C HIS C 121 -38.35 -3.82 -0.45
N ILE C 122 -37.51 -4.12 0.53
CA ILE C 122 -36.58 -3.13 1.06
C ILE C 122 -35.12 -3.59 1.05
N GLU C 123 -34.24 -2.72 0.58
CA GLU C 123 -32.80 -2.94 0.67
C GLU C 123 -32.21 -1.91 1.62
N LEU C 124 -31.74 -2.37 2.78
CA LEU C 124 -31.30 -1.47 3.85
C LEU C 124 -29.80 -1.52 4.09
N MET C 125 -29.17 -0.35 4.15
CA MET C 125 -27.73 -0.27 4.39
CA MET C 125 -27.73 -0.29 4.41
C MET C 125 -27.44 0.65 5.58
N MET C 126 -26.72 0.13 6.57
CA MET C 126 -26.33 0.94 7.71
C MET C 126 -24.98 1.62 7.47
N SER C 127 -24.91 2.91 7.78
CA SER C 127 -23.74 3.73 7.44
C SER C 127 -22.76 3.88 8.61
N ASN C 128 -21.48 3.75 8.31
CA ASN C 128 -20.44 3.88 9.31
C ASN C 128 -20.31 5.31 9.81
N ALA C 130 -20.94 7.43 7.28
CA ALA C 130 -20.47 8.32 6.23
C ALA C 130 -20.00 7.54 5.01
N ASP C 131 -20.72 7.66 3.91
CA ASP C 131 -20.36 6.99 2.67
C ASP C 131 -19.09 7.54 2.01
N ASP C 132 -19.05 8.85 1.74
CA ASP C 132 -20.12 9.80 2.08
C ASP C 132 -20.18 10.90 1.03
N LEU C 133 -21.34 11.10 0.41
CA LEU C 133 -22.54 10.28 0.59
C LEU C 133 -23.48 10.62 -0.56
N ASP C 134 -23.54 9.74 -1.55
CA ASP C 134 -24.29 10.02 -2.78
C ASP C 134 -25.79 9.85 -2.60
N PRO C 135 -26.53 10.96 -2.58
CA PRO C 135 -27.98 11.01 -2.35
C PRO C 135 -28.80 10.35 -3.46
N THR C 136 -28.35 10.50 -4.71
CA THR C 136 -29.10 9.99 -5.86
C THR C 136 -29.10 8.47 -5.93
N GLU C 137 -28.24 7.83 -5.15
CA GLU C 137 -28.18 6.37 -5.12
C GLU C 137 -29.23 5.79 -4.19
N TRP C 138 -29.87 6.66 -3.41
CA TRP C 138 -30.79 6.21 -2.37
C TRP C 138 -32.20 6.73 -2.61
N ASP C 139 -33.19 5.90 -2.28
CA ASP C 139 -34.58 6.31 -2.35
C ASP C 139 -34.96 7.12 -1.11
N VAL C 140 -34.47 6.66 0.04
CA VAL C 140 -34.67 7.38 1.30
C VAL C 140 -33.42 7.29 2.17
N ILE C 141 -33.17 8.34 2.93
CA ILE C 141 -31.99 8.39 3.80
C ILE C 141 -32.34 8.88 5.21
N PHE C 142 -31.94 8.10 6.21
CA PHE C 142 -32.10 8.50 7.61
C PHE C 142 -30.73 8.78 8.22
N ARG C 143 -30.57 9.96 8.82
CA ARG C 143 -29.32 10.31 9.49
C ARG C 143 -29.59 10.94 10.85
N VAL C 144 -28.54 11.08 11.65
CA VAL C 144 -28.65 11.67 12.97
C VAL C 144 -27.94 13.02 13.02
N GLY C 145 -28.57 14.01 13.64
CA GLY C 145 -28.01 15.33 13.72
C GLY C 145 -28.16 16.12 12.43
N PRO C 146 -27.73 17.38 12.44
CA PRO C 146 -27.82 18.30 11.29
C PRO C 146 -26.64 18.10 10.33
N GLN C 147 -26.68 18.75 9.16
CA GLN C 147 -27.77 19.65 8.81
C GLN C 147 -28.62 19.19 7.62
N ARG C 148 -27.98 18.80 6.51
CA ARG C 148 -26.52 18.70 6.36
C ARG C 148 -25.80 20.05 6.19
N ASP C 149 -26.31 20.95 5.36
CA ASP C 149 -27.54 20.74 4.60
C ASP C 149 -27.28 20.55 3.11
N SER C 150 -28.26 20.00 2.40
CA SER C 150 -28.13 19.75 0.97
C SER C 150 -29.36 20.21 0.20
N SER C 151 -29.51 19.70 -1.01
CA SER C 151 -30.68 19.99 -1.83
C SER C 151 -31.77 18.97 -1.59
N LEU C 152 -31.50 18.01 -0.71
CA LEU C 152 -32.48 17.00 -0.35
C LEU C 152 -33.65 17.60 0.42
N ILE C 153 -34.79 16.93 0.38
CA ILE C 153 -35.92 17.30 1.21
C ILE C 153 -35.77 16.63 2.57
N ALA C 154 -35.87 17.42 3.63
CA ALA C 154 -35.60 16.92 4.98
C ALA C 154 -36.79 17.06 5.91
N ARG C 155 -37.16 15.96 6.56
CA ARG C 155 -38.19 15.97 7.58
C ARG C 155 -37.60 15.44 8.88
N LYS C 156 -37.73 16.21 9.95
CA LYS C 156 -37.34 15.70 11.26
C LYS C 156 -38.47 14.83 11.81
N ILE C 157 -38.15 13.58 12.12
CA ILE C 157 -39.17 12.64 12.57
C ILE C 157 -38.99 12.20 14.02
N GLY C 158 -37.96 12.72 14.68
CA GLY C 158 -37.71 12.38 16.08
C GLY C 158 -36.38 12.89 16.61
N GLU C 159 -36.04 12.43 17.81
CA GLU C 159 -34.79 12.81 18.45
C GLU C 159 -34.32 11.70 19.40
N VAL C 160 -33.06 11.79 19.83
CA VAL C 160 -32.55 10.90 20.85
C VAL C 160 -31.84 11.71 21.92
N LYS C 161 -32.06 11.35 23.18
CA LYS C 161 -31.36 12.00 24.29
C LYS C 161 -30.32 11.03 24.87
N ASP C 162 -29.09 11.50 25.00
CA ASP C 162 -28.00 10.68 25.50
C ASP C 162 -27.81 10.91 27.00
N ILE C 163 -27.75 9.82 27.75
CA ILE C 163 -27.60 9.91 29.20
C ILE C 163 -26.41 9.09 29.71
N LEU C 164 -25.97 9.40 30.92
CA LEU C 164 -24.87 8.68 31.56
C LEU C 164 -25.41 7.57 32.44
N VAL C 165 -24.88 6.36 32.27
CA VAL C 165 -25.35 5.22 33.04
C VAL C 165 -24.20 4.33 33.52
N ALA C 166 -24.46 3.57 34.57
CA ALA C 166 -23.49 2.62 35.09
C ALA C 166 -24.24 1.56 35.88
N SER C 167 -23.59 0.40 36.08
CA SER C 167 -24.22 -0.68 36.83
C SER C 167 -24.09 -0.45 38.32
N PRO C 168 -25.06 -0.95 39.11
CA PRO C 168 -25.01 -0.82 40.57
C PRO C 168 -23.70 -1.39 41.09
N GLN C 169 -23.29 -2.53 40.54
CA GLN C 169 -22.03 -3.16 40.94
C GLN C 169 -20.87 -2.19 40.88
N TYR C 170 -20.77 -1.44 39.79
CA TYR C 170 -19.70 -0.47 39.62
C TYR C 170 -19.83 0.67 40.62
N LEU C 171 -21.03 1.20 40.74
CA LEU C 171 -21.29 2.32 41.63
C LEU C 171 -21.07 1.92 43.09
N SER C 172 -21.20 0.62 43.36
CA SER C 172 -20.98 0.11 44.71
C SER C 172 -19.53 0.36 45.14
N SER C 173 -18.60 0.10 44.23
CA SER C 173 -17.17 0.28 44.51
C SER C 173 -16.68 1.64 44.00
N HIS C 174 -17.53 2.34 43.26
CA HIS C 174 -17.20 3.66 42.74
C HIS C 174 -18.39 4.60 42.89
N PRO C 175 -18.49 5.26 44.06
CA PRO C 175 -19.57 6.21 44.32
C PRO C 175 -19.81 7.12 43.11
N GLN C 176 -21.07 7.24 42.70
CA GLN C 176 -21.42 8.02 41.52
C GLN C 176 -20.86 9.44 41.61
N PRO C 177 -20.53 10.02 40.43
CA PRO C 177 -20.03 11.39 40.36
C PRO C 177 -21.13 12.40 40.65
N THR C 178 -20.79 13.52 41.27
CA THR C 178 -21.77 14.55 41.57
C THR C 178 -21.50 15.82 40.75
N HIS C 179 -20.54 15.71 39.85
CA HIS C 179 -20.19 16.80 38.94
C HIS C 179 -19.56 16.21 37.69
N ALA C 180 -19.84 16.82 36.54
CA ALA C 180 -19.32 16.31 35.27
C ALA C 180 -17.80 16.19 35.30
N GLU C 181 -17.16 17.07 36.06
CA GLU C 181 -15.70 17.10 36.14
C GLU C 181 -15.14 15.82 36.75
N GLU C 182 -15.92 15.20 37.63
CA GLU C 182 -15.48 14.01 38.35
C GLU C 182 -15.43 12.77 37.47
N LEU C 183 -15.87 12.89 36.22
CA LEU C 183 -15.79 11.78 35.28
C LEU C 183 -14.34 11.43 34.99
N HIS C 184 -13.47 12.43 35.10
CA HIS C 184 -12.04 12.24 34.89
CA HIS C 184 -12.05 12.23 34.88
C HIS C 184 -11.47 11.25 35.90
N GLN C 185 -12.18 11.07 37.01
CA GLN C 185 -11.74 10.16 38.06
C GLN C 185 -12.46 8.81 38.03
N HIS C 186 -13.23 8.57 36.97
CA HIS C 186 -13.96 7.32 36.83
C HIS C 186 -13.53 6.52 35.61
N GLN C 187 -13.88 5.24 35.59
CA GLN C 187 -13.66 4.40 34.42
C GLN C 187 -14.75 4.69 33.40
N LEU C 188 -14.34 5.15 32.22
CA LEU C 188 -15.30 5.54 31.20
C LEU C 188 -15.34 4.54 30.05
N LEU C 189 -16.53 4.34 29.49
CA LEU C 189 -16.72 3.45 28.36
C LEU C 189 -17.36 4.25 27.24
N LYS C 190 -16.65 4.43 26.13
CA LYS C 190 -17.11 5.31 25.07
C LYS C 190 -17.30 4.60 23.73
N GLY C 191 -18.39 4.92 23.06
CA GLY C 191 -18.69 4.33 21.77
C GLY C 191 -19.04 5.37 20.72
N TYR C 192 -18.63 5.11 19.48
CA TYR C 192 -18.93 6.00 18.36
C TYR C 192 -20.44 6.05 18.14
N PRO C 193 -20.98 7.25 17.87
CA PRO C 193 -20.24 8.51 17.74
C PRO C 193 -20.31 9.37 18.99
N LEU C 194 -20.18 8.75 20.16
CA LEU C 194 -20.25 9.48 21.43
C LEU C 194 -18.93 9.45 22.18
N LEU C 195 -17.85 9.75 21.46
CA LEU C 195 -16.51 9.72 22.05
C LEU C 195 -16.17 11.02 22.75
N LYS C 196 -16.65 12.13 22.21
CA LYS C 196 -16.44 13.44 22.83
C LYS C 196 -17.68 13.86 23.59
N TRP C 197 -17.64 13.72 24.91
CA TRP C 197 -18.78 14.05 25.75
C TRP C 197 -18.86 15.54 26.04
N GLN C 198 -19.97 16.16 25.60
CA GLN C 198 -20.20 17.58 25.87
C GLN C 198 -21.40 17.73 26.78
N LEU C 199 -21.15 17.97 28.06
CA LEU C 199 -22.22 18.02 29.06
C LEU C 199 -22.46 19.44 29.58
N THR C 200 -23.73 19.77 29.80
CA THR C 200 -24.10 21.11 30.26
C THR C 200 -25.11 21.04 31.40
N ASN C 201 -24.83 21.77 32.47
CA ASN C 201 -25.77 21.87 33.58
C ASN C 201 -26.72 23.06 33.42
N SER C 202 -27.69 23.17 34.34
CA SER C 202 -28.71 24.20 34.23
C SER C 202 -28.16 25.61 34.44
N GLN C 203 -26.96 25.70 34.99
CA GLN C 203 -26.37 27.00 35.31
C GLN C 203 -25.52 27.53 34.16
N GLY C 204 -25.59 26.85 33.02
CA GLY C 204 -24.89 27.28 31.82
C GLY C 204 -23.53 26.62 31.65
N GLU C 205 -22.95 26.17 32.76
CA GLU C 205 -21.63 25.56 32.75
C GLU C 205 -21.58 24.34 31.84
N THR C 206 -20.59 24.31 30.96
CA THR C 206 -20.37 23.17 30.08
C THR C 206 -18.97 22.60 30.29
N VAL C 207 -18.88 21.29 30.48
CA VAL C 207 -17.58 20.64 30.56
C VAL C 207 -17.48 19.57 29.47
N VAL C 208 -16.30 19.49 28.86
CA VAL C 208 -16.07 18.52 27.79
C VAL C 208 -15.12 17.43 28.25
N ASN C 209 -15.53 16.17 28.07
CA ASN C 209 -14.65 15.05 28.38
C ASN C 209 -14.23 14.34 27.11
N SER C 210 -12.95 14.42 26.79
CA SER C 210 -12.43 13.79 25.58
C SER C 210 -11.54 12.60 25.92
N ASP C 211 -11.57 12.17 27.17
CA ASP C 211 -10.81 11.01 27.60
C ASP C 211 -11.01 9.83 26.64
N ARG C 212 -9.92 9.12 26.35
CA ARG C 212 -9.98 8.01 25.42
C ARG C 212 -10.87 6.89 25.95
N GLY C 213 -10.76 6.64 27.25
CA GLY C 213 -11.63 5.68 27.92
C GLY C 213 -11.02 4.31 28.15
N ARG C 214 -11.39 3.69 29.26
CA ARG C 214 -10.99 2.34 29.59
C ARG C 214 -11.34 1.40 28.43
N PHE C 215 -12.49 1.68 27.81
CA PHE C 215 -12.96 0.88 26.70
C PHE C 215 -13.57 1.79 25.63
N GLN C 216 -13.02 1.70 24.41
CA GLN C 216 -13.49 2.52 23.30
C GLN C 216 -13.85 1.63 22.11
N ALA C 217 -15.06 1.80 21.58
CA ALA C 217 -15.53 0.94 20.49
C ALA C 217 -16.17 1.74 19.36
N SER C 218 -16.23 1.12 18.17
CA SER C 218 -16.77 1.75 16.98
C SER C 218 -18.29 1.70 16.93
N ALA C 219 -18.88 0.97 17.87
CA ALA C 219 -20.33 0.93 18.00
C ALA C 219 -20.72 0.96 19.47
N LEU C 220 -21.98 1.25 19.75
CA LEU C 220 -22.43 1.46 21.13
C LEU C 220 -22.94 0.20 21.83
N ASN C 221 -23.47 -0.75 21.06
CA ASN C 221 -24.05 -1.96 21.65
C ASN C 221 -23.09 -2.75 22.53
N VAL C 222 -21.86 -2.93 22.06
CA VAL C 222 -20.85 -3.65 22.81
C VAL C 222 -20.40 -2.85 24.03
N VAL C 223 -20.54 -1.53 23.95
CA VAL C 223 -20.20 -0.67 25.08
C VAL C 223 -21.23 -0.82 26.18
N ARG C 224 -22.49 -0.96 25.78
CA ARG C 224 -23.58 -1.18 26.73
C ARG C 224 -23.32 -2.47 27.51
N SER C 225 -22.90 -3.51 26.79
CA SER C 225 -22.56 -4.79 27.41
C SER C 225 -21.48 -4.63 28.47
N ALA C 226 -20.43 -3.89 28.12
CA ALA C 226 -19.31 -3.66 29.02
C ALA C 226 -19.76 -2.87 30.25
N CYS C 227 -20.64 -1.91 30.04
CA CYS C 227 -21.17 -1.11 31.12
C CYS C 227 -21.98 -1.97 32.10
N SER C 228 -22.63 -3.00 31.57
CA SER C 228 -23.44 -3.88 32.38
C SER C 228 -22.60 -4.78 33.28
N GLU C 229 -21.36 -5.05 32.85
CA GLU C 229 -20.46 -5.89 33.63
C GLU C 229 -19.75 -5.09 34.71
N GLY C 230 -20.18 -3.83 34.88
CA GLY C 230 -19.63 -2.98 35.91
C GLY C 230 -18.25 -2.43 35.58
N LEU C 231 -17.98 -2.28 34.29
CA LEU C 231 -16.68 -1.82 33.84
C LEU C 231 -16.54 -0.29 33.83
N GLY C 232 -17.64 0.41 34.05
CA GLY C 232 -17.57 1.85 34.18
C GLY C 232 -18.79 2.63 33.71
N ILE C 233 -18.59 3.91 33.45
CA ILE C 233 -19.64 4.83 33.05
C ILE C 233 -19.62 5.07 31.54
N THR C 234 -20.80 5.09 30.92
CA THR C 234 -20.90 5.34 29.48
C THR C 234 -21.98 6.38 29.17
N LEU C 235 -21.87 6.98 27.99
CA LEU C 235 -22.89 7.91 27.51
C LEU C 235 -23.65 7.26 26.36
N MET C 236 -24.96 7.12 26.50
CA MET C 236 -25.74 6.34 25.55
C MET C 236 -27.15 6.88 25.37
N PRO C 237 -27.69 6.74 24.14
CA PRO C 237 -29.09 7.09 23.86
C PRO C 237 -30.04 6.39 24.83
N ASP C 238 -30.96 7.15 25.40
CA ASP C 238 -31.87 6.62 26.41
C ASP C 238 -32.76 5.51 25.86
N VAL C 239 -32.96 5.52 24.55
CA VAL C 239 -33.83 4.54 23.90
C VAL C 239 -33.20 3.15 23.86
N MET C 240 -31.87 3.10 23.93
CA MET C 240 -31.15 1.83 23.93
C MET C 240 -31.01 1.30 25.35
N LEU C 241 -31.28 2.17 26.33
CA LEU C 241 -31.06 1.84 27.74
C LEU C 241 -32.36 1.56 28.49
N ARG C 242 -33.49 1.83 27.85
CA ARG C 242 -34.78 1.84 28.55
C ARG C 242 -35.05 0.64 29.46
N GLU C 243 -35.00 -0.56 28.92
CA GLU C 243 -35.36 -1.75 29.70
C GLU C 243 -34.29 -2.13 30.74
N PHE C 244 -33.12 -1.53 30.63
CA PHE C 244 -32.05 -1.78 31.60
C PHE C 244 -32.17 -0.81 32.77
N LEU C 245 -32.69 0.38 32.49
CA LEU C 245 -33.06 1.32 33.54
C LEU C 245 -34.27 0.74 34.26
N GLU C 246 -35.14 0.10 33.49
CA GLU C 246 -36.38 -0.49 34.01
C GLU C 246 -36.10 -1.54 35.08
N ASP C 247 -35.18 -2.45 34.79
CA ASP C 247 -34.88 -3.55 35.72
C ASP C 247 -33.75 -3.23 36.68
N GLY C 248 -33.22 -2.01 36.59
CA GLY C 248 -32.21 -1.54 37.52
C GLY C 248 -30.82 -2.11 37.30
N SER C 249 -30.63 -2.87 36.23
CA SER C 249 -29.32 -3.42 35.91
C SER C 249 -28.37 -2.30 35.48
N LEU C 250 -28.96 -1.20 35.04
CA LEU C 250 -28.22 0.02 34.77
C LEU C 250 -28.93 1.18 35.46
N VAL C 251 -28.16 2.14 35.97
CA VAL C 251 -28.74 3.31 36.62
C VAL C 251 -28.14 4.60 36.08
N GLN C 252 -28.99 5.60 35.86
CA GLN C 252 -28.54 6.88 35.34
C GLN C 252 -27.82 7.66 36.42
N VAL C 253 -26.76 8.37 36.01
CA VAL C 253 -26.01 9.23 36.92
C VAL C 253 -25.90 10.61 36.30
N LEU C 254 -25.73 11.63 37.13
CA LEU C 254 -25.63 13.00 36.67
C LEU C 254 -26.75 13.37 35.70
N SER C 255 -27.97 12.88 35.96
CA SER C 255 -29.12 13.38 35.21
C SER C 255 -29.12 14.88 35.41
N ASP C 256 -28.34 15.31 36.40
CA ASP C 256 -28.04 16.70 36.65
C ASP C 256 -27.56 17.38 35.37
N TRP C 257 -26.73 16.66 34.61
CA TRP C 257 -26.11 17.18 33.40
C TRP C 257 -26.77 16.63 32.14
N SER C 258 -26.80 17.43 31.08
CA SER C 258 -27.50 17.05 29.86
C SER C 258 -26.67 17.20 28.59
N SER C 259 -26.69 16.17 27.75
CA SER C 259 -26.08 16.23 26.43
C SER C 259 -27.11 16.70 25.43
N ASN C 260 -26.65 17.39 24.38
CA ASN C 260 -27.56 17.89 23.36
C ASN C 260 -28.34 16.77 22.67
N PRO C 261 -29.67 16.92 22.59
CA PRO C 261 -30.51 15.94 21.90
C PRO C 261 -30.12 15.88 20.43
N ARG C 262 -30.12 14.70 19.85
CA ARG C 262 -29.74 14.54 18.44
C ARG C 262 -30.95 14.27 17.56
N ASP C 263 -31.19 15.17 16.62
CA ASP C 263 -32.35 15.09 15.74
C ASP C 263 -32.22 13.93 14.76
N ILE C 264 -33.36 13.30 14.46
CA ILE C 264 -33.41 12.21 13.49
C ILE C 264 -34.16 12.65 12.26
N TYR C 265 -33.49 12.63 11.11
CA TYR C 265 -34.06 13.15 9.87
C TYR C 265 -34.37 12.04 8.87
N MET C 266 -35.37 12.30 8.03
CA MET C 266 -35.61 11.50 6.84
C MET C 266 -35.32 12.38 5.63
N LEU C 267 -34.41 11.93 4.77
CA LEU C 267 -34.00 12.71 3.61
C LEU C 267 -34.40 11.99 2.33
N TYR C 268 -34.91 12.74 1.35
CA TYR C 268 -35.19 12.18 0.03
C TYR C 268 -35.02 13.20 -1.09
N ASN C 269 -34.65 12.70 -2.27
CA ASN C 269 -34.50 13.53 -3.45
C ASN C 269 -35.86 14.00 -3.97
N HIS C 270 -35.96 15.28 -4.31
CA HIS C 270 -37.20 15.78 -4.88
C HIS C 270 -37.40 15.27 -6.31
N LYS C 271 -38.61 14.84 -6.60
CA LYS C 271 -38.96 14.37 -7.93
C LYS C 271 -40.47 14.38 -8.11
N ASP C 272 -40.91 14.61 -9.34
CA ASP C 272 -42.31 14.47 -9.69
C ASP C 272 -42.41 13.61 -10.94
N HIS C 273 -43.31 12.63 -10.92
CA HIS C 273 -44.25 12.46 -9.82
C HIS C 273 -43.69 11.65 -8.64
N GLN C 274 -42.46 11.18 -8.77
CA GLN C 274 -41.87 10.27 -7.79
C GLN C 274 -42.53 8.89 -7.87
N PRO C 275 -41.73 7.82 -7.77
CA PRO C 275 -42.25 6.46 -7.85
C PRO C 275 -43.27 6.18 -6.76
N GLU C 276 -44.38 5.53 -7.13
CA GLU C 276 -45.45 5.22 -6.20
C GLU C 276 -44.94 4.56 -4.93
N LYS C 277 -43.97 3.66 -5.08
CA LYS C 277 -43.43 2.93 -3.95
C LYS C 277 -42.81 3.86 -2.91
N VAL C 278 -42.19 4.94 -3.39
CA VAL C 278 -41.51 5.88 -2.51
C VAL C 278 -42.47 6.83 -1.80
N ARG C 279 -43.55 7.21 -2.49
CA ARG C 279 -44.57 8.03 -1.86
C ARG C 279 -45.20 7.30 -0.69
N LEU C 280 -45.56 6.04 -0.91
CA LEU C 280 -46.18 5.21 0.13
C LEU C 280 -45.31 5.15 1.38
N PHE C 281 -44.01 4.95 1.18
CA PHE C 281 -43.07 4.84 2.29
C PHE C 281 -42.97 6.15 3.07
N ILE C 282 -42.71 7.24 2.36
CA ILE C 282 -42.57 8.54 2.98
C ILE C 282 -43.82 8.91 3.77
N ASP C 283 -44.98 8.71 3.15
CA ASP C 283 -46.25 9.00 3.80
C ASP C 283 -46.41 8.15 5.05
N PHE C 284 -46.01 6.89 4.96
CA PHE C 284 -46.12 5.96 6.08
C PHE C 284 -45.28 6.43 7.26
N VAL C 285 -44.04 6.81 6.98
CA VAL C 285 -43.11 7.24 8.02
C VAL C 285 -43.59 8.51 8.72
N ILE C 286 -44.00 9.50 7.94
CA ILE C 286 -44.43 10.79 8.47
C ILE C 286 -45.60 10.66 9.46
N GLY C 287 -46.48 9.70 9.20
CA GLY C 287 -47.63 9.48 10.07
C GLY C 287 -47.43 8.36 11.07
N TYR C 288 -46.20 7.87 11.17
CA TYR C 288 -45.91 6.75 12.06
C TYR C 288 -45.46 7.19 13.45
N HIS C 289 -45.94 6.48 14.47
CA HIS C 289 -45.66 6.80 15.86
C HIS C 289 -44.33 6.19 16.32
N LEU C 290 -43.38 7.03 16.69
CA LEU C 290 -42.12 6.57 17.28
C LEU C 290 -41.56 7.57 18.28
N GLN C 291 -40.28 7.42 18.61
CA GLN C 291 -39.61 8.31 19.54
C GLN C 291 -38.81 9.37 18.80
N MET D 1 29.16 5.32 15.27
CA MET D 1 30.39 6.10 15.20
C MET D 1 31.66 5.37 15.66
N LYS D 2 31.57 4.51 16.67
CA LYS D 2 30.32 4.12 17.32
C LYS D 2 29.91 5.06 18.47
N LEU D 3 28.60 5.17 18.68
CA LEU D 3 28.06 5.95 19.79
C LEU D 3 28.32 5.26 21.13
N ASP D 4 28.21 3.93 21.12
CA ASP D 4 28.41 3.14 22.34
C ASP D 4 29.84 3.30 22.86
N ASP D 5 30.79 3.45 21.95
CA ASP D 5 32.17 3.68 22.34
C ASP D 5 32.34 5.09 22.91
N LEU D 6 31.66 6.05 22.30
CA LEU D 6 31.66 7.42 22.80
C LEU D 6 31.02 7.46 24.18
N ASN D 7 30.00 6.63 24.36
CA ASN D 7 29.34 6.50 25.65
C ASN D 7 30.26 5.83 26.66
N LEU D 8 31.05 4.87 26.20
CA LEU D 8 32.04 4.21 27.04
C LEU D 8 33.08 5.22 27.50
N PHE D 9 33.57 6.02 26.56
CA PHE D 9 34.53 7.07 26.87
C PHE D 9 33.98 8.00 27.96
N ARG D 10 32.65 8.13 28.01
CA ARG D 10 32.00 8.96 29.02
C ARG D 10 32.09 8.31 30.39
N LEU D 11 31.62 7.06 30.49
CA LEU D 11 31.67 6.31 31.74
C LEU D 11 33.10 6.27 32.29
N VAL D 12 34.07 6.18 31.39
CA VAL D 12 35.47 6.14 31.76
C VAL D 12 35.90 7.45 32.44
N VAL D 13 35.50 8.57 31.83
CA VAL D 13 35.82 9.88 32.38
C VAL D 13 35.15 10.10 33.73
N GLU D 14 33.93 9.58 33.87
CA GLU D 14 33.17 9.70 35.11
C GLU D 14 33.81 8.88 36.23
N ASN D 15 34.02 7.59 35.96
CA ASN D 15 34.54 6.66 36.96
C ASN D 15 35.99 6.94 37.38
N GLY D 16 36.79 7.45 36.46
CA GLY D 16 38.14 7.85 36.80
C GLY D 16 39.25 7.09 36.08
N SER D 17 38.93 5.87 35.64
CA SER D 17 39.92 5.04 34.95
C SER D 17 39.28 3.77 34.39
N TYR D 18 40.06 3.03 33.62
CA TYR D 18 39.58 1.78 33.04
C TYR D 18 39.13 0.80 34.11
N THR D 19 40.01 0.55 35.08
CA THR D 19 39.70 -0.39 36.15
C THR D 19 38.45 0.01 36.92
N SER D 20 38.35 1.29 37.25
CA SER D 20 37.17 1.82 37.93
C SER D 20 35.91 1.56 37.11
N THR D 21 35.99 1.86 35.82
CA THR D 21 34.86 1.68 34.93
C THR D 21 34.60 0.20 34.66
N SER D 22 35.67 -0.58 34.62
CA SER D 22 35.56 -2.02 34.37
C SER D 22 34.80 -2.72 35.50
N LYS D 23 34.95 -2.20 36.72
CA LYS D 23 34.31 -2.80 37.88
C LYS D 23 32.81 -2.53 37.91
N LYS D 24 32.41 -1.33 37.53
CA LYS D 24 31.01 -0.93 37.58
C LYS D 24 30.22 -1.48 36.39
N THR D 25 30.92 -1.74 35.28
CA THR D 25 30.26 -2.21 34.07
C THR D 25 30.57 -3.68 33.76
N MET D 26 31.44 -4.28 34.55
CA MET D 26 31.88 -5.65 34.32
C MET D 26 32.45 -5.85 32.92
N ILE D 27 32.79 -4.74 32.28
CA ILE D 27 33.44 -4.77 30.98
C ILE D 27 34.94 -4.96 31.16
N PRO D 28 35.50 -6.01 30.57
CA PRO D 28 36.93 -6.33 30.69
C PRO D 28 37.79 -5.11 30.37
N VAL D 29 38.77 -4.82 31.22
CA VAL D 29 39.65 -3.68 31.00
C VAL D 29 40.22 -3.69 29.58
N ALA D 30 40.65 -4.86 29.13
CA ALA D 30 41.20 -5.01 27.78
C ALA D 30 40.16 -4.65 26.73
N THR D 31 38.90 -4.95 27.01
CA THR D 31 37.81 -4.58 26.12
C THR D 31 37.70 -3.06 26.02
N ILE D 32 37.61 -2.41 27.17
CA ILE D 32 37.55 -0.95 27.23
C ILE D 32 38.70 -0.33 26.43
N THR D 33 39.86 -0.98 26.50
CA THR D 33 41.03 -0.51 25.78
C THR D 33 40.83 -0.60 24.27
N ARG D 34 40.46 -1.78 23.80
CA ARG D 34 40.22 -2.00 22.38
C ARG D 34 39.18 -1.04 21.83
N ARG D 35 38.08 -0.89 22.54
CA ARG D 35 36.97 -0.07 22.09
C ARG D 35 37.27 1.43 22.13
N ILE D 36 38.03 1.86 23.13
CA ILE D 36 38.47 3.25 23.21
C ILE D 36 39.49 3.52 22.11
N GLN D 37 40.26 2.49 21.76
CA GLN D 37 41.28 2.60 20.72
C GLN D 37 40.64 2.66 19.34
N ALA D 38 39.58 1.89 19.14
CA ALA D 38 38.85 1.88 17.87
C ALA D 38 38.09 3.19 17.69
N LEU D 39 37.76 3.83 18.80
CA LEU D 39 37.08 5.12 18.77
C LEU D 39 38.05 6.21 18.32
N GLU D 40 39.25 6.20 18.91
CA GLU D 40 40.30 7.13 18.54
C GLU D 40 40.73 6.89 17.09
N ASP D 41 40.56 5.66 16.63
CA ASP D 41 40.86 5.30 15.24
C ASP D 41 39.88 5.96 14.28
N SER D 42 38.60 5.81 14.56
CA SER D 42 37.56 6.38 13.70
C SER D 42 37.71 7.90 13.59
N LEU D 43 38.02 8.54 14.70
CA LEU D 43 38.15 9.99 14.74
C LEU D 43 39.51 10.45 14.22
N ASN D 44 40.44 9.50 14.09
CA ASN D 44 41.83 9.85 13.82
C ASN D 44 42.31 10.86 14.84
N LEU D 45 41.77 10.75 16.05
CA LEU D 45 42.07 11.69 17.13
C LEU D 45 42.35 10.95 18.43
N ARG D 46 43.34 11.44 19.16
CA ARG D 46 43.64 10.90 20.48
C ARG D 46 42.78 11.61 21.52
N LEU D 47 42.00 10.83 22.26
CA LEU D 47 41.07 11.40 23.23
C LEU D 47 41.69 11.54 24.62
N LEU D 48 42.48 10.54 25.02
CA LEU D 48 43.11 10.55 26.34
C LEU D 48 44.44 9.82 26.30
N ASN D 49 45.27 10.05 27.31
CA ASN D 49 46.56 9.37 27.40
C ASN D 49 46.45 8.02 28.09
N ARG D 50 46.74 6.96 27.34
CA ARG D 50 46.66 5.60 27.85
C ARG D 50 47.91 5.23 28.64
N HIS D 51 48.95 6.06 28.51
CA HIS D 51 50.19 5.88 29.26
C HIS D 51 49.92 5.80 30.76
N ARG D 53 50.73 7.53 34.67
CA ARG D 53 49.73 6.51 34.89
C ARG D 53 48.33 7.12 35.07
N LYS D 54 48.26 8.29 35.68
CA LYS D 54 46.99 9.00 35.78
C LYS D 54 46.45 9.40 34.41
N LEU D 55 45.30 8.83 34.03
CA LEU D 55 44.70 9.12 32.73
C LEU D 55 44.36 10.61 32.63
N THR D 56 44.72 11.20 31.49
CA THR D 56 44.46 12.61 31.25
C THR D 56 43.86 12.78 29.86
N LEU D 57 42.89 13.68 29.73
CA LEU D 57 42.24 13.90 28.45
C LEU D 57 42.98 14.91 27.61
N THR D 58 43.12 14.60 26.32
CA THR D 58 43.72 15.53 25.38
C THR D 58 42.77 16.68 25.11
N GLU D 59 43.23 17.67 24.36
CA GLU D 59 42.39 18.81 24.02
C GLU D 59 41.11 18.35 23.34
N ALA D 60 41.22 17.28 22.56
CA ALA D 60 40.07 16.72 21.85
C ALA D 60 39.19 15.92 22.80
N GLY D 61 39.82 15.27 23.78
CA GLY D 61 39.08 14.53 24.78
C GLY D 61 38.20 15.43 25.61
N GLU D 62 38.80 16.50 26.14
CA GLU D 62 38.06 17.50 26.90
C GLU D 62 36.88 18.00 26.10
N ARG D 63 37.09 18.20 24.80
CA ARG D 63 36.06 18.71 23.90
C ARG D 63 34.88 17.76 23.79
N PHE D 64 35.16 16.48 23.55
CA PHE D 64 34.11 15.48 23.36
C PHE D 64 33.27 15.29 24.63
N TYR D 65 33.92 15.23 25.78
CA TYR D 65 33.21 15.01 27.03
C TYR D 65 32.36 16.21 27.41
N LYS D 66 32.85 17.41 27.09
CA LYS D 66 32.14 18.64 27.41
C LYS D 66 30.79 18.70 26.69
N ASP D 67 30.80 18.41 25.40
CA ASP D 67 29.62 18.57 24.57
C ASP D 67 28.67 17.37 24.61
N CYS D 68 29.22 16.16 24.56
CA CYS D 68 28.41 14.97 24.33
C CYS D 68 27.83 14.30 25.58
N SER D 69 28.57 14.34 26.68
CA SER D 69 28.17 13.62 27.89
C SER D 69 26.72 13.88 28.33
N PRO D 70 26.29 15.15 28.37
CA PRO D 70 24.91 15.42 28.78
C PRO D 70 23.88 14.72 27.91
N LEU D 71 24.06 14.77 26.60
CA LEU D 71 23.16 14.10 25.67
C LEU D 71 23.18 12.58 25.88
N LEU D 72 24.39 12.02 25.93
CA LEU D 72 24.56 10.59 26.18
C LEU D 72 23.77 10.14 27.41
N GLU D 73 23.70 11.03 28.40
CA GLU D 73 23.06 10.70 29.68
C GLU D 73 21.54 10.71 29.57
N ARG D 74 20.98 11.80 29.07
CA ARG D 74 19.54 11.88 28.82
C ARG D 74 19.09 10.70 27.97
N LEU D 75 19.83 10.47 26.89
CA LEU D 75 19.53 9.38 25.97
C LEU D 75 19.56 8.03 26.69
N ALA D 76 20.49 7.89 27.63
CA ALA D 76 20.65 6.65 28.37
C ALA D 76 19.46 6.38 29.28
N SER D 77 19.00 7.41 29.98
CA SER D 77 17.86 7.28 30.88
C SER D 77 16.56 7.25 30.07
N MET D 78 16.53 7.98 28.96
CA MET D 78 15.34 8.05 28.12
C MET D 78 15.00 6.68 27.52
N THR D 79 16.02 6.00 27.01
CA THR D 79 15.84 4.67 26.44
C THR D 79 15.40 3.69 27.51
N GLU D 80 15.85 3.92 28.74
CA GLU D 80 15.47 3.07 29.86
C GLU D 80 13.99 3.20 30.18
N GLU D 81 13.52 4.44 30.21
CA GLU D 81 12.12 4.74 30.54
C GLU D 81 11.17 4.15 29.51
N ILE D 82 11.48 4.35 28.23
CA ILE D 82 10.63 3.87 27.14
C ILE D 82 10.45 2.35 27.18
N THR D 83 11.56 1.61 27.28
CA THR D 83 11.50 0.16 27.31
C THR D 83 10.67 -0.33 28.50
N ASP D 84 10.87 0.31 29.65
CA ASP D 84 10.11 -0.04 30.85
C ASP D 84 8.60 0.06 30.62
N GLU D 85 8.18 1.14 29.96
CA GLU D 85 6.78 1.36 29.68
C GLU D 85 6.27 0.47 28.54
N CYS D 86 7.06 0.38 27.48
CA CYS D 86 6.63 -0.33 26.27
C CYS D 86 6.38 -1.82 26.48
N ARG D 87 7.16 -2.46 27.33
CA ARG D 87 6.96 -3.88 27.60
C ARG D 87 6.31 -4.11 28.96
N GLY D 88 5.75 -3.05 29.54
CA GLY D 88 5.00 -3.16 30.77
C GLY D 88 3.61 -3.72 30.51
N ALA D 89 2.91 -4.09 31.58
CA ALA D 89 1.62 -4.74 31.47
C ALA D 89 0.48 -3.76 31.18
N SER D 90 0.60 -2.54 31.69
CA SER D 90 -0.43 -1.53 31.50
C SER D 90 -0.34 -0.87 30.12
N GLY D 91 -1.46 -0.32 29.66
CA GLY D 91 -1.49 0.37 28.38
C GLY D 91 -2.68 0.03 27.52
N ARG D 92 -2.88 0.81 26.46
CA ARG D 92 -4.00 0.63 25.56
C ARG D 92 -3.70 -0.45 24.52
N ILE D 93 -4.74 -1.16 24.09
CA ILE D 93 -4.60 -2.23 23.11
C ILE D 93 -5.61 -2.06 21.98
N ARG D 94 -5.14 -2.17 20.73
CA ARG D 94 -6.00 -2.01 19.58
C ARG D 94 -6.42 -3.36 18.99
N ILE D 95 -7.73 -3.57 18.89
CA ILE D 95 -8.27 -4.85 18.44
C ILE D 95 -9.26 -4.68 17.29
N SER D 96 -9.23 -5.60 16.34
CA SER D 96 -10.23 -5.65 15.28
C SER D 96 -11.04 -6.93 15.40
N ALA D 97 -12.36 -6.79 15.35
CA ALA D 97 -13.25 -7.94 15.46
C ALA D 97 -14.38 -7.83 14.45
N PRO D 98 -15.01 -8.97 14.11
CA PRO D 98 -16.13 -8.96 13.17
C PRO D 98 -17.35 -8.28 13.77
N SER D 99 -17.91 -7.31 13.05
CA SER D 99 -19.13 -6.66 13.50
C SER D 99 -20.30 -7.65 13.49
N GLU D 100 -21.15 -7.56 14.50
CA GLU D 100 -22.36 -8.38 14.59
C GLU D 100 -22.19 -9.70 15.34
N LEU D 101 -21.00 -10.27 15.26
CA LEU D 101 -20.72 -11.53 15.96
C LEU D 101 -19.96 -11.31 17.27
N THR D 102 -19.43 -10.10 17.43
CA THR D 102 -18.60 -9.78 18.58
C THR D 102 -19.37 -9.71 19.90
N LYS D 103 -20.44 -8.91 19.91
CA LYS D 103 -21.21 -8.70 21.14
C LYS D 103 -21.64 -10.01 21.80
N ARG D 104 -22.00 -11.00 20.99
CA ARG D 104 -22.52 -12.25 21.49
C ARG D 104 -21.40 -13.23 21.89
N MET D 105 -20.26 -13.13 21.21
CA MET D 105 -19.17 -14.08 21.43
C MET D 105 -17.96 -13.48 22.13
N MET D 106 -17.48 -12.35 21.64
CA MET D 106 -16.23 -11.76 22.12
C MET D 106 -16.40 -10.98 23.43
N MET D 107 -17.45 -10.18 23.50
CA MET D 107 -17.65 -9.26 24.63
C MET D 107 -17.53 -9.88 26.02
N PRO D 108 -18.14 -11.06 26.24
CA PRO D 108 -17.94 -11.71 27.53
C PRO D 108 -16.46 -11.96 27.80
N MET D 109 -15.74 -12.36 26.76
CA MET D 109 -14.31 -12.63 26.87
C MET D 109 -13.53 -11.34 27.10
N PHE D 110 -13.93 -10.28 26.40
CA PHE D 110 -13.29 -8.98 26.55
C PHE D 110 -13.60 -8.38 27.92
N ASN D 111 -14.89 -8.40 28.29
CA ASN D 111 -15.30 -7.87 29.59
C ASN D 111 -14.57 -8.55 30.74
N ALA D 112 -14.42 -9.87 30.64
CA ALA D 112 -13.71 -10.64 31.65
C ALA D 112 -12.25 -10.21 31.72
N PHE D 113 -11.64 -10.02 30.55
CA PHE D 113 -10.24 -9.60 30.47
C PHE D 113 -10.04 -8.25 31.13
N MET D 114 -10.86 -7.28 30.76
CA MET D 114 -10.76 -5.92 31.31
C MET D 114 -10.96 -5.89 32.82
N GLU D 115 -11.81 -6.78 33.32
CA GLU D 115 -12.03 -6.89 34.76
C GLU D 115 -10.78 -7.42 35.45
N LYS D 116 -10.11 -8.38 34.81
CA LYS D 116 -8.91 -8.98 35.36
C LYS D 116 -7.72 -8.03 35.27
N TYR D 117 -7.71 -7.21 34.21
CA TYR D 117 -6.61 -6.29 33.97
C TYR D 117 -7.10 -4.85 33.82
N PRO D 118 -7.44 -4.20 34.94
CA PRO D 118 -7.97 -2.84 34.99
C PRO D 118 -7.02 -1.76 34.44
N ASP D 119 -5.75 -2.11 34.25
CA ASP D 119 -4.78 -1.14 33.73
C ASP D 119 -4.52 -1.32 32.24
N ILE D 120 -5.08 -2.37 31.65
CA ILE D 120 -5.03 -2.54 30.21
C ILE D 120 -6.31 -1.99 29.58
N HIS D 121 -6.17 -1.03 28.69
CA HIS D 121 -7.33 -0.40 28.06
C HIS D 121 -7.51 -0.89 26.64
N ILE D 122 -8.76 -1.00 26.19
CA ILE D 122 -9.06 -1.55 24.88
C ILE D 122 -9.68 -0.54 23.91
N GLU D 123 -9.14 -0.51 22.70
CA GLU D 123 -9.73 0.24 21.60
C GLU D 123 -10.19 -0.78 20.56
N LEU D 124 -11.50 -0.87 20.36
CA LEU D 124 -12.08 -1.91 19.52
C LEU D 124 -12.77 -1.38 18.27
N MET D 125 -12.17 -1.67 17.11
CA MET D 125 -12.80 -1.38 15.83
C MET D 125 -13.47 -2.64 15.29
N MET D 126 -14.68 -2.50 14.77
CA MET D 126 -15.43 -3.64 14.26
C MET D 126 -15.77 -3.49 12.78
N SER D 127 -15.70 -4.58 12.03
CA SER D 127 -15.89 -4.54 10.59
C SER D 127 -16.39 -5.87 10.02
N ASN D 128 -17.21 -5.78 8.97
CA ASN D 128 -17.63 -6.95 8.21
C ASN D 128 -16.73 -7.11 6.99
N GLN D 129 -15.93 -6.09 6.73
CA GLN D 129 -15.27 -5.94 5.44
C GLN D 129 -13.77 -6.29 5.45
N ALA D 130 -13.22 -6.56 6.63
CA ALA D 130 -11.79 -6.81 6.74
C ALA D 130 -11.47 -8.00 7.65
N ASP D 131 -10.69 -8.95 7.16
CA ASP D 131 -10.18 -9.00 5.77
C ASP D 131 -9.28 -7.84 5.34
N ASP D 132 -9.75 -7.07 4.37
CA ASP D 132 -8.93 -6.07 3.67
C ASP D 132 -8.00 -5.22 4.55
N LEU D 133 -8.49 -4.78 5.71
CA LEU D 133 -7.76 -3.81 6.53
C LEU D 133 -6.31 -4.22 6.87
N ASP D 134 -5.45 -3.21 6.96
CA ASP D 134 -4.02 -3.40 7.21
C ASP D 134 -3.72 -3.83 8.64
N PRO D 135 -3.05 -4.97 8.79
CA PRO D 135 -2.73 -5.59 10.09
C PRO D 135 -1.76 -4.79 10.96
N THR D 136 -0.90 -3.98 10.34
CA THR D 136 0.13 -3.25 11.08
C THR D 136 -0.46 -2.25 12.06
N GLU D 137 -1.77 -2.04 11.98
CA GLU D 137 -2.44 -1.09 12.85
C GLU D 137 -3.09 -1.78 14.04
N TRP D 138 -3.06 -3.11 14.04
CA TRP D 138 -3.75 -3.87 15.07
C TRP D 138 -2.82 -4.78 15.87
N ASP D 139 -3.06 -4.85 17.18
CA ASP D 139 -2.32 -5.75 18.05
C ASP D 139 -2.86 -7.17 17.89
N VAL D 140 -4.18 -7.28 17.82
CA VAL D 140 -4.84 -8.56 17.61
C VAL D 140 -6.03 -8.40 16.68
N ILE D 141 -6.23 -9.36 15.79
CA ILE D 141 -7.36 -9.33 14.86
C ILE D 141 -8.24 -10.57 14.99
N PHE D 142 -9.54 -10.34 15.10
CA PHE D 142 -10.50 -11.44 15.08
C PHE D 142 -11.30 -11.36 13.79
N ARG D 143 -11.31 -12.46 13.04
CA ARG D 143 -12.01 -12.48 11.76
C ARG D 143 -12.69 -13.82 11.51
N VAL D 144 -13.60 -13.85 10.54
CA VAL D 144 -14.28 -15.07 10.16
C VAL D 144 -13.63 -15.67 8.92
N GLY D 145 -13.07 -16.86 9.08
CA GLY D 145 -12.36 -17.52 8.01
C GLY D 145 -10.96 -16.96 7.81
N PRO D 146 -10.13 -17.67 7.03
CA PRO D 146 -8.77 -17.27 6.68
C PRO D 146 -8.73 -16.57 5.33
N GLN D 147 -7.64 -15.88 5.00
CA GLN D 147 -6.50 -15.70 5.90
C GLN D 147 -6.00 -14.24 5.95
N ARG D 148 -5.45 -13.67 4.87
CA ARG D 148 -5.14 -14.36 3.60
C ARG D 148 -4.20 -13.50 2.74
N ASP D 149 -2.90 -13.79 2.79
CA ASP D 149 -2.30 -14.69 3.74
C ASP D 149 -1.02 -14.03 4.24
N SER D 150 -0.90 -13.87 5.55
CA SER D 150 0.21 -13.13 6.13
C SER D 150 1.09 -13.98 7.02
N SER D 151 2.01 -13.33 7.73
CA SER D 151 2.91 -14.00 8.67
C SER D 151 2.27 -14.07 10.04
N LEU D 152 1.11 -13.44 10.18
CA LEU D 152 0.37 -13.43 11.43
C LEU D 152 0.05 -14.86 11.88
N ILE D 153 0.36 -15.16 13.13
CA ILE D 153 -0.02 -16.43 13.72
C ILE D 153 -1.53 -16.52 13.81
N ALA D 154 -2.10 -17.58 13.26
CA ALA D 154 -3.56 -17.73 13.22
C ALA D 154 -4.04 -18.85 14.13
N ARG D 155 -4.92 -18.51 15.07
CA ARG D 155 -5.50 -19.49 15.97
C ARG D 155 -7.01 -19.58 15.82
N LYS D 156 -7.48 -20.78 15.51
CA LYS D 156 -8.93 -21.05 15.40
C LYS D 156 -9.51 -21.20 16.80
N ILE D 157 -10.32 -20.22 17.21
CA ILE D 157 -10.82 -20.16 18.58
C ILE D 157 -12.33 -20.42 18.68
N GLY D 158 -12.96 -20.72 17.55
CA GLY D 158 -14.39 -20.98 17.55
C GLY D 158 -14.98 -21.15 16.16
N GLU D 159 -16.26 -21.46 16.11
CA GLU D 159 -16.95 -21.68 14.84
C GLU D 159 -18.43 -21.31 14.96
N VAL D 160 -19.01 -20.85 13.85
CA VAL D 160 -20.43 -20.53 13.81
C VAL D 160 -21.15 -21.41 12.80
N LYS D 161 -22.37 -21.80 13.13
CA LYS D 161 -23.19 -22.61 12.24
C LYS D 161 -24.44 -21.84 11.83
N ASP D 162 -24.56 -21.55 10.54
CA ASP D 162 -25.68 -20.81 10.01
C ASP D 162 -26.90 -21.72 9.84
N ILE D 163 -28.02 -21.30 10.41
CA ILE D 163 -29.25 -22.09 10.35
C ILE D 163 -30.43 -21.24 9.90
N LEU D 164 -31.45 -21.89 9.35
CA LEU D 164 -32.63 -21.21 8.84
C LEU D 164 -33.72 -21.11 9.91
N VAL D 165 -34.28 -19.91 10.09
CA VAL D 165 -35.30 -19.70 11.10
C VAL D 165 -36.48 -18.89 10.59
N ALA D 166 -37.60 -19.00 11.30
CA ALA D 166 -38.81 -18.24 11.01
C ALA D 166 -39.66 -18.24 12.26
N SER D 167 -40.60 -17.30 12.34
CA SER D 167 -41.48 -17.20 13.50
C SER D 167 -42.71 -18.08 13.32
N PRO D 168 -43.30 -18.53 14.44
CA PRO D 168 -44.53 -19.33 14.39
C PRO D 168 -45.62 -18.64 13.60
N GLN D 169 -45.68 -17.32 13.68
CA GLN D 169 -46.68 -16.54 12.95
C GLN D 169 -46.53 -16.66 11.44
N TYR D 170 -45.30 -16.53 10.95
CA TYR D 170 -45.05 -16.67 9.52
C TYR D 170 -45.44 -18.06 9.03
N LEU D 171 -45.09 -19.07 9.82
CA LEU D 171 -45.36 -20.46 9.46
C LEU D 171 -46.84 -20.81 9.51
N SER D 172 -47.62 -19.96 10.15
CA SER D 172 -49.06 -20.17 10.26
C SER D 172 -49.71 -19.96 8.90
N SER D 173 -49.37 -18.85 8.25
CA SER D 173 -49.93 -18.53 6.94
C SER D 173 -49.08 -19.09 5.81
N HIS D 174 -47.85 -19.48 6.13
CA HIS D 174 -46.94 -20.06 5.16
C HIS D 174 -46.54 -21.48 5.57
N PRO D 175 -46.99 -22.48 4.80
CA PRO D 175 -46.66 -23.88 5.07
C PRO D 175 -45.15 -24.11 5.10
N GLN D 176 -44.65 -24.65 6.20
CA GLN D 176 -43.22 -24.90 6.36
C GLN D 176 -42.65 -25.69 5.19
N PRO D 177 -41.52 -25.23 4.64
CA PRO D 177 -40.89 -25.88 3.48
C PRO D 177 -40.18 -27.16 3.87
N THR D 178 -40.27 -28.17 3.00
CA THR D 178 -39.63 -29.46 3.25
C THR D 178 -38.27 -29.53 2.56
N HIS D 179 -38.25 -29.11 1.30
CA HIS D 179 -37.02 -29.09 0.52
C HIS D 179 -36.53 -27.66 0.35
N ALA D 180 -35.22 -27.48 0.34
CA ALA D 180 -34.63 -26.15 0.24
C ALA D 180 -34.97 -25.47 -1.09
N GLU D 181 -35.45 -26.26 -2.04
CA GLU D 181 -35.84 -25.73 -3.34
C GLU D 181 -37.17 -24.98 -3.22
N GLU D 182 -37.92 -25.28 -2.16
CA GLU D 182 -39.19 -24.63 -1.91
C GLU D 182 -39.00 -23.23 -1.35
N LEU D 183 -37.75 -22.85 -1.10
CA LEU D 183 -37.43 -21.52 -0.62
C LEU D 183 -37.83 -20.45 -1.63
N HIS D 184 -37.91 -20.85 -2.90
CA HIS D 184 -38.30 -19.92 -3.96
C HIS D 184 -39.74 -19.46 -3.81
N GLN D 185 -40.54 -20.25 -3.09
CA GLN D 185 -41.94 -19.91 -2.87
C GLN D 185 -42.18 -19.22 -1.53
N HIS D 186 -41.10 -18.83 -0.86
CA HIS D 186 -41.22 -18.19 0.45
C HIS D 186 -40.64 -16.78 0.47
N GLN D 187 -40.98 -16.03 1.50
CA GLN D 187 -40.44 -14.69 1.70
C GLN D 187 -39.12 -14.81 2.46
N LEU D 188 -38.03 -14.46 1.80
CA LEU D 188 -36.70 -14.63 2.39
C LEU D 188 -36.15 -13.33 2.95
N LEU D 189 -35.56 -13.42 4.14
CA LEU D 189 -34.89 -12.28 4.75
C LEU D 189 -33.39 -12.54 4.75
N LYS D 190 -32.64 -11.69 4.06
CA LYS D 190 -31.21 -11.90 3.90
C LYS D 190 -30.37 -10.72 4.41
N GLY D 191 -29.27 -11.04 5.09
CA GLY D 191 -28.37 -10.03 5.59
C GLY D 191 -26.91 -10.36 5.34
N TYR D 192 -26.14 -9.33 4.99
CA TYR D 192 -24.71 -9.48 4.79
C TYR D 192 -24.08 -10.03 6.07
N PRO D 193 -23.11 -10.94 5.95
CA PRO D 193 -22.52 -11.45 4.70
C PRO D 193 -23.26 -12.67 4.12
N LEU D 194 -24.41 -13.03 4.68
CA LEU D 194 -25.12 -14.23 4.24
C LEU D 194 -26.22 -13.90 3.24
N LEU D 195 -25.83 -13.71 1.97
CA LEU D 195 -26.78 -13.39 0.92
C LEU D 195 -26.99 -14.57 -0.02
N LYS D 196 -25.90 -15.15 -0.51
CA LYS D 196 -25.99 -16.34 -1.33
C LYS D 196 -26.08 -17.58 -0.43
N TRP D 197 -27.26 -18.15 -0.34
CA TRP D 197 -27.47 -19.33 0.48
C TRP D 197 -27.05 -20.60 -0.27
N GLN D 198 -26.01 -21.25 0.22
CA GLN D 198 -25.57 -22.51 -0.35
C GLN D 198 -25.81 -23.63 0.65
N LEU D 199 -26.90 -24.36 0.46
CA LEU D 199 -27.35 -25.35 1.43
C LEU D 199 -27.18 -26.79 0.93
N THR D 200 -26.55 -27.62 1.75
CA THR D 200 -26.35 -29.04 1.44
C THR D 200 -27.10 -29.89 2.45
N ASN D 201 -27.82 -30.90 1.96
CA ASN D 201 -28.63 -31.74 2.83
C ASN D 201 -27.97 -33.08 3.16
N SER D 202 -28.75 -33.98 3.75
CA SER D 202 -28.22 -35.25 4.24
C SER D 202 -27.77 -36.18 3.10
N GLN D 203 -28.37 -36.03 1.93
CA GLN D 203 -28.08 -36.93 0.81
C GLN D 203 -27.05 -36.36 -0.18
N GLY D 204 -26.56 -35.15 0.10
CA GLY D 204 -25.54 -34.55 -0.73
C GLY D 204 -26.07 -33.58 -1.76
N GLU D 205 -27.39 -33.41 -1.80
CA GLU D 205 -28.00 -32.46 -2.72
C GLU D 205 -27.70 -31.05 -2.27
N THR D 206 -27.07 -30.27 -3.15
CA THR D 206 -26.73 -28.88 -2.85
C THR D 206 -27.58 -27.93 -3.67
N VAL D 207 -28.36 -27.10 -2.99
CA VAL D 207 -29.14 -26.06 -3.66
C VAL D 207 -28.56 -24.70 -3.31
N VAL D 208 -28.61 -23.79 -4.27
CA VAL D 208 -28.15 -22.42 -4.04
C VAL D 208 -29.30 -21.45 -4.26
N ASN D 209 -29.61 -20.66 -3.23
CA ASN D 209 -30.63 -19.63 -3.35
C ASN D 209 -30.01 -18.26 -3.52
N SER D 210 -30.27 -17.63 -4.67
CA SER D 210 -29.69 -16.33 -4.98
C SER D 210 -30.74 -15.23 -4.99
N ASP D 211 -31.98 -15.60 -4.73
CA ASP D 211 -33.10 -14.65 -4.71
C ASP D 211 -32.73 -13.42 -3.90
N ARG D 212 -33.12 -12.25 -4.39
CA ARG D 212 -32.81 -11.01 -3.70
C ARG D 212 -33.49 -10.94 -2.34
N GLY D 213 -34.74 -11.41 -2.28
CA GLY D 213 -35.44 -11.50 -1.00
C GLY D 213 -36.24 -10.26 -0.61
N ARG D 214 -37.34 -10.51 0.11
CA ARG D 214 -38.24 -9.45 0.55
C ARG D 214 -37.51 -8.33 1.29
N PHE D 215 -36.55 -8.70 2.13
CA PHE D 215 -35.81 -7.72 2.91
C PHE D 215 -34.31 -8.03 2.89
N GLN D 216 -33.50 -7.02 2.58
CA GLN D 216 -32.06 -7.16 2.57
C GLN D 216 -31.39 -6.03 3.35
N ALA D 217 -30.48 -6.40 4.25
CA ALA D 217 -29.75 -5.42 5.06
C ALA D 217 -28.25 -5.70 5.04
N SER D 218 -27.46 -4.68 5.34
CA SER D 218 -26.00 -4.83 5.38
C SER D 218 -25.56 -5.44 6.70
N ALA D 219 -26.54 -5.80 7.53
CA ALA D 219 -26.26 -6.40 8.83
C ALA D 219 -27.36 -7.37 9.23
N LEU D 220 -26.98 -8.47 9.87
CA LEU D 220 -27.91 -9.53 10.20
C LEU D 220 -28.88 -9.20 11.32
N ASN D 221 -28.41 -8.46 12.33
CA ASN D 221 -29.20 -8.21 13.53
C ASN D 221 -30.57 -7.57 13.27
N VAL D 222 -30.66 -6.75 12.22
CA VAL D 222 -31.94 -6.14 11.87
C VAL D 222 -32.79 -7.10 11.05
N VAL D 223 -32.13 -7.94 10.25
CA VAL D 223 -32.83 -8.99 9.51
C VAL D 223 -33.45 -9.95 10.51
N ARG D 224 -32.87 -10.00 11.70
CA ARG D 224 -33.33 -10.89 12.75
C ARG D 224 -34.68 -10.42 13.31
N SER D 225 -34.79 -9.12 13.58
CA SER D 225 -36.02 -8.56 14.10
C SER D 225 -37.17 -8.70 13.11
N ALA D 226 -36.87 -8.48 11.84
CA ALA D 226 -37.87 -8.64 10.78
C ALA D 226 -38.39 -10.08 10.77
N CYS D 227 -37.50 -11.02 11.07
CA CYS D 227 -37.87 -12.43 11.15
C CYS D 227 -38.81 -12.68 12.32
N SER D 228 -38.53 -12.02 13.45
CA SER D 228 -39.37 -12.15 14.63
C SER D 228 -40.76 -11.55 14.38
N GLU D 229 -40.84 -10.63 13.42
CA GLU D 229 -42.11 -10.00 13.09
C GLU D 229 -42.85 -10.84 12.05
N GLY D 230 -42.36 -12.05 11.80
CA GLY D 230 -43.03 -12.98 10.92
C GLY D 230 -43.02 -12.58 9.45
N LEU D 231 -42.01 -11.80 9.06
CA LEU D 231 -41.91 -11.30 7.70
C LEU D 231 -41.26 -12.30 6.74
N GLY D 232 -40.77 -13.41 7.27
CA GLY D 232 -40.18 -14.44 6.41
C GLY D 232 -39.11 -15.30 7.04
N ILE D 233 -38.40 -16.03 6.18
CA ILE D 233 -37.34 -16.95 6.60
C ILE D 233 -35.97 -16.33 6.38
N THR D 234 -35.08 -16.51 7.35
CA THR D 234 -33.71 -16.02 7.24
C THR D 234 -32.66 -17.07 7.56
N LEU D 235 -31.42 -16.81 7.17
CA LEU D 235 -30.30 -17.68 7.49
C LEU D 235 -29.34 -16.93 8.40
N MET D 236 -29.13 -17.45 9.60
CA MET D 236 -28.38 -16.71 10.61
C MET D 236 -27.55 -17.65 11.51
N PRO D 237 -26.42 -17.13 12.03
CA PRO D 237 -25.56 -17.87 12.97
C PRO D 237 -26.35 -18.40 14.15
N ASP D 238 -26.01 -19.60 14.61
CA ASP D 238 -26.71 -20.25 15.71
C ASP D 238 -26.61 -19.48 17.03
N VAL D 239 -25.48 -18.82 17.25
CA VAL D 239 -25.24 -18.14 18.52
C VAL D 239 -26.13 -16.91 18.72
N MET D 240 -26.45 -16.23 17.61
CA MET D 240 -27.27 -15.02 17.68
C MET D 240 -28.73 -15.37 17.91
N LEU D 241 -29.06 -16.66 17.78
CA LEU D 241 -30.45 -17.10 17.84
C LEU D 241 -30.77 -17.88 19.11
N ARG D 242 -29.75 -18.10 19.93
CA ARG D 242 -29.86 -18.94 21.12
C ARG D 242 -31.17 -18.77 21.88
N GLU D 243 -31.41 -17.55 22.36
CA GLU D 243 -32.57 -17.27 23.21
C GLU D 243 -33.90 -17.41 22.48
N PHE D 244 -33.98 -16.87 21.27
CA PHE D 244 -35.22 -16.88 20.51
C PHE D 244 -35.64 -18.30 20.13
N LEU D 245 -34.65 -19.16 19.91
CA LEU D 245 -34.91 -20.57 19.67
C LEU D 245 -35.42 -21.22 20.95
N GLU D 246 -34.91 -20.75 22.08
CA GLU D 246 -35.23 -21.33 23.38
C GLU D 246 -36.55 -20.81 23.96
N ASP D 247 -36.97 -19.64 23.53
CA ASP D 247 -38.22 -19.07 24.01
C ASP D 247 -39.38 -19.32 23.04
N GLY D 248 -39.06 -19.86 21.86
CA GLY D 248 -40.07 -20.20 20.89
C GLY D 248 -40.36 -19.10 19.90
N SER D 249 -39.86 -17.89 20.18
CA SER D 249 -40.05 -16.76 19.28
C SER D 249 -39.71 -17.14 17.85
N LEU D 250 -38.58 -17.82 17.68
CA LEU D 250 -38.17 -18.34 16.38
C LEU D 250 -38.08 -19.86 16.43
N VAL D 251 -38.59 -20.51 15.38
CA VAL D 251 -38.46 -21.95 15.25
C VAL D 251 -37.63 -22.27 14.01
N GLN D 252 -36.78 -23.28 14.10
CA GLN D 252 -35.88 -23.61 13.00
C GLN D 252 -36.57 -24.44 11.92
N VAL D 253 -36.23 -24.15 10.67
CA VAL D 253 -36.77 -24.89 9.54
C VAL D 253 -35.63 -25.48 8.71
N LEU D 254 -35.94 -26.52 7.93
CA LEU D 254 -34.94 -27.15 7.07
C LEU D 254 -33.65 -27.45 7.84
N SER D 255 -33.79 -27.99 9.04
CA SER D 255 -32.63 -28.25 9.89
C SER D 255 -31.59 -29.14 9.22
N ASP D 256 -32.03 -29.99 8.31
CA ASP D 256 -31.12 -30.91 7.62
C ASP D 256 -30.32 -30.22 6.52
N TRP D 257 -30.77 -29.03 6.14
CA TRP D 257 -30.08 -28.26 5.11
C TRP D 257 -29.06 -27.30 5.74
N SER D 258 -27.79 -27.67 5.66
CA SER D 258 -26.73 -26.90 6.31
C SER D 258 -25.85 -26.16 5.31
N SER D 259 -25.31 -25.03 5.74
CA SER D 259 -24.28 -24.32 4.99
C SER D 259 -22.94 -24.65 5.62
N ASN D 260 -21.85 -24.38 4.91
CA ASN D 260 -20.52 -24.65 5.45
C ASN D 260 -20.23 -23.82 6.69
N PRO D 261 -19.81 -24.49 7.77
CA PRO D 261 -19.48 -23.82 9.03
C PRO D 261 -18.38 -22.78 8.85
N ARG D 262 -18.43 -21.70 9.63
CA ARG D 262 -17.44 -20.65 9.55
C ARG D 262 -16.62 -20.57 10.83
N ASP D 263 -15.30 -20.64 10.70
CA ASP D 263 -14.41 -20.59 11.85
C ASP D 263 -14.04 -19.16 12.20
N ILE D 264 -13.91 -18.90 13.50
CA ILE D 264 -13.41 -17.61 13.97
C ILE D 264 -11.96 -17.74 14.41
N TYR D 265 -11.07 -17.04 13.72
CA TYR D 265 -9.65 -17.09 14.02
C TYR D 265 -9.18 -15.86 14.77
N MET D 266 -8.11 -16.02 15.54
CA MET D 266 -7.45 -14.90 16.18
C MET D 266 -6.09 -14.68 15.50
N LEU D 267 -5.78 -13.44 15.16
CA LEU D 267 -4.54 -13.14 14.44
C LEU D 267 -3.63 -12.22 15.25
N TYR D 268 -2.34 -12.55 15.26
CA TYR D 268 -1.35 -11.79 16.02
C TYR D 268 0.06 -12.21 15.64
N ASN D 269 1.02 -11.34 15.89
CA ASN D 269 2.43 -11.68 15.71
C ASN D 269 2.95 -12.43 16.93
N HIS D 270 3.97 -13.27 16.72
CA HIS D 270 4.49 -14.10 17.79
C HIS D 270 4.73 -13.32 19.08
N LYS D 271 4.30 -13.89 20.20
CA LYS D 271 4.40 -13.25 21.50
C LYS D 271 5.83 -12.84 21.84
N ASP D 272 6.81 -13.47 21.18
CA ASP D 272 8.22 -13.17 21.40
C ASP D 272 8.49 -11.68 21.62
N HIS D 273 8.30 -10.89 20.57
CA HIS D 273 8.56 -9.46 20.63
C HIS D 273 7.29 -8.66 20.86
N GLN D 274 6.36 -9.23 21.63
CA GLN D 274 5.09 -8.58 21.90
C GLN D 274 5.09 -7.94 23.29
N PRO D 275 4.54 -6.72 23.39
CA PRO D 275 4.40 -6.05 24.70
C PRO D 275 3.60 -6.90 25.68
N GLU D 276 3.86 -6.72 26.97
CA GLU D 276 3.15 -7.47 28.00
C GLU D 276 1.65 -7.24 27.92
N LYS D 277 1.26 -6.04 27.53
CA LYS D 277 -0.15 -5.73 27.31
C LYS D 277 -0.77 -6.78 26.41
N VAL D 278 -0.22 -6.92 25.22
CA VAL D 278 -0.75 -7.82 24.21
C VAL D 278 -0.55 -9.29 24.56
N ARG D 279 0.56 -9.61 25.22
CA ARG D 279 0.83 -10.99 25.63
C ARG D 279 -0.23 -11.49 26.60
N LEU D 280 -0.60 -10.66 27.56
CA LEU D 280 -1.60 -11.02 28.55
C LEU D 280 -2.96 -11.24 27.88
N PHE D 281 -3.31 -10.36 26.96
CA PHE D 281 -4.58 -10.48 26.25
C PHE D 281 -4.62 -11.72 25.37
N ILE D 282 -3.52 -12.01 24.69
CA ILE D 282 -3.43 -13.18 23.84
C ILE D 282 -3.59 -14.46 24.65
N ASP D 283 -2.80 -14.59 25.71
CA ASP D 283 -2.86 -15.76 26.58
C ASP D 283 -4.24 -15.92 27.21
N PHE D 284 -4.79 -14.81 27.71
CA PHE D 284 -6.12 -14.82 28.31
C PHE D 284 -7.13 -15.41 27.34
N VAL D 285 -7.12 -14.92 26.11
CA VAL D 285 -8.02 -15.43 25.08
C VAL D 285 -7.80 -16.92 24.85
N ILE D 286 -6.53 -17.33 24.85
CA ILE D 286 -6.16 -18.72 24.64
C ILE D 286 -6.65 -19.62 25.78
N GLY D 287 -6.58 -19.10 27.00
CA GLY D 287 -7.02 -19.85 28.16
C GLY D 287 -8.51 -19.72 28.44
N TYR D 288 -9.23 -19.13 27.49
CA TYR D 288 -10.66 -18.89 27.66
C TYR D 288 -11.48 -19.89 26.87
N HIS D 289 -12.65 -20.24 27.39
CA HIS D 289 -13.56 -21.15 26.71
C HIS D 289 -14.61 -20.37 25.91
N LEU D 290 -14.66 -20.63 24.61
CA LEU D 290 -15.56 -19.91 23.70
C LEU D 290 -15.18 -18.44 23.60
#